data_5E8P
#
_entry.id   5E8P
#
_cell.length_a   90.590
_cell.length_b   123.772
_cell.length_c   97.683
_cell.angle_alpha   90.00
_cell.angle_beta   104.31
_cell.angle_gamma   90.00
#
_symmetry.space_group_name_H-M   'I 1 2 1'
#
loop_
_entity.id
_entity.type
_entity.pdbx_description
1 polymer 'H-2 class I histocompatibility antigen, D-B alpha chain'
2 polymer Beta-2-microglobulin
3 polymer 'Ceramide synthase 5'
4 non-polymer 'SULFATE ION'
5 water water
#
loop_
_entity_poly.entity_id
_entity_poly.type
_entity_poly.pdbx_seq_one_letter_code
_entity_poly.pdbx_strand_id
1 'polypeptide(L)'
;GPHSMRYFETAVSRPGLEEPRYISVGYVDNKEFVRFDSDAENPRYEPRAPWMEQEGPEYWERETQKAKGQEQWFRVSLRN
LLGYYNQSAGGSHTLQQMSGCDLGSDWRLLRGYLQFAYEGRDYIALNEDLKTWTAADMAAQITRRKWEQSGAAEHYKAYL
EGECVEWLHRYLKNGNATLLRTDSPKAHVTHHPRSKGEVTLRCWALGFYPADITLTWQLNGEELTQDMELVETRPAGDGT
FQKWASVVVPLGKEQNYTCRVYHEGLPEPLTLRWEP
;
A,D
2 'polypeptide(L)'
;IQKTPQIQVYSRHPPENGKPNILNCYVTQFHPPHIEIQMLKNGKKIPKVEMSDMSFSKDWSFYILAHTEFTPTETDTYAC
RVKHDSMAEPKTVYWDRDM
;
B,E
3 'polypeptide(L)' MCLR(NLE)TAVM C,F
#
# COMPACT_ATOMS: atom_id res chain seq x y z
N GLY A 1 -5.70 -9.84 -0.28
CA GLY A 1 -4.82 -8.73 -0.61
C GLY A 1 -5.57 -7.55 -1.20
N PRO A 2 -4.85 -6.51 -1.63
CA PRO A 2 -5.51 -5.36 -2.26
C PRO A 2 -6.05 -5.72 -3.64
N HIS A 3 -7.00 -4.91 -4.10
CA HIS A 3 -7.65 -5.16 -5.38
C HIS A 3 -7.93 -3.86 -6.12
N SER A 4 -8.17 -3.97 -7.43
CA SER A 4 -8.38 -2.79 -8.25
C SER A 4 -9.24 -3.12 -9.46
N MET A 5 -9.84 -2.07 -10.03
CA MET A 5 -10.45 -2.11 -11.34
C MET A 5 -10.03 -0.86 -12.10
N ARG A 6 -9.80 -1.01 -13.40
CA ARG A 6 -9.44 0.10 -14.25
C ARG A 6 -10.08 -0.11 -15.60
N TYR A 7 -10.57 0.98 -16.20
CA TYR A 7 -10.88 1.02 -17.62
C TYR A 7 -9.91 1.98 -18.29
N PHE A 8 -9.14 1.45 -19.23
CA PHE A 8 -8.24 2.21 -20.09
C PHE A 8 -8.93 2.45 -21.41
N GLU A 9 -9.19 3.71 -21.75
CA GLU A 9 -9.91 4.02 -22.97
C GLU A 9 -9.02 4.84 -23.87
N THR A 10 -9.10 4.57 -25.16
CA THR A 10 -8.34 5.30 -26.18
C THR A 10 -9.25 5.70 -27.33
N ALA A 11 -9.10 6.94 -27.79
CA ALA A 11 -9.69 7.38 -29.05
C ALA A 11 -8.58 7.94 -29.91
N VAL A 12 -8.51 7.49 -31.17
CA VAL A 12 -7.40 7.79 -32.06
C VAL A 12 -7.95 8.37 -33.36
N SER A 13 -7.44 9.53 -33.76
CA SER A 13 -7.67 10.06 -35.09
C SER A 13 -6.37 10.03 -35.87
N ARG A 14 -6.47 9.75 -37.16
CA ARG A 14 -5.36 9.78 -38.11
C ARG A 14 -5.83 10.52 -39.35
N PRO A 15 -4.93 11.17 -40.09
CA PRO A 15 -5.40 12.01 -41.20
C PRO A 15 -6.12 11.21 -42.29
N GLY A 16 -5.75 9.94 -42.45
CA GLY A 16 -6.40 9.06 -43.42
C GLY A 16 -7.44 8.16 -42.79
N LEU A 17 -8.24 8.73 -41.88
CA LEU A 17 -9.37 8.04 -41.27
C LEU A 17 -10.46 9.06 -41.03
N GLU A 18 -11.69 8.76 -41.48
CA GLU A 18 -12.76 9.73 -41.36
C GLU A 18 -13.23 9.86 -39.91
N GLU A 19 -13.32 8.74 -39.20
CA GLU A 19 -13.77 8.83 -37.83
C GLU A 19 -12.74 8.21 -36.90
N PRO A 20 -12.72 8.63 -35.64
CA PRO A 20 -11.74 8.05 -34.70
C PRO A 20 -12.06 6.61 -34.37
N ARG A 21 -11.02 5.87 -34.02
CA ARG A 21 -11.19 4.54 -33.48
C ARG A 21 -11.23 4.62 -31.97
N TYR A 22 -12.17 3.91 -31.35
CA TYR A 22 -12.37 3.94 -29.92
C TYR A 22 -12.18 2.54 -29.35
N ILE A 23 -11.29 2.41 -28.37
CA ILE A 23 -11.01 1.15 -27.71
C ILE A 23 -11.17 1.35 -26.21
N SER A 24 -11.87 0.44 -25.56
CA SER A 24 -11.93 0.46 -24.11
C SER A 24 -11.56 -0.91 -23.56
N VAL A 25 -10.62 -0.90 -22.61
CA VAL A 25 -10.10 -2.13 -22.02
C VAL A 25 -10.31 -2.06 -20.52
N GLY A 26 -11.02 -3.06 -19.97
CA GLY A 26 -11.26 -3.14 -18.55
C GLY A 26 -10.27 -4.09 -17.88
N TYR A 27 -9.86 -3.74 -16.67
CA TYR A 27 -8.95 -4.57 -15.90
C TYR A 27 -9.50 -4.82 -14.49
N VAL A 28 -9.30 -6.04 -14.00
CA VAL A 28 -9.46 -6.37 -12.58
C VAL A 28 -8.14 -6.94 -12.09
N ASP A 29 -7.61 -6.36 -11.02
CA ASP A 29 -6.30 -6.73 -10.47
C ASP A 29 -5.23 -6.78 -11.55
N ASN A 30 -5.25 -5.77 -12.42
CA ASN A 30 -4.25 -5.58 -13.47
C ASN A 30 -4.24 -6.67 -14.54
N LYS A 31 -5.34 -7.40 -14.70
CA LYS A 31 -5.44 -8.29 -15.86
C LYS A 31 -6.73 -8.00 -16.61
N GLU A 32 -6.59 -7.92 -17.93
CA GLU A 32 -7.70 -7.55 -18.80
C GLU A 32 -8.85 -8.55 -18.64
N PHE A 33 -10.08 -8.03 -18.58
CA PHE A 33 -11.22 -8.92 -18.50
C PHE A 33 -12.35 -8.58 -19.45
N VAL A 34 -12.37 -7.37 -20.03
CA VAL A 34 -13.35 -6.99 -21.06
C VAL A 34 -12.67 -6.06 -22.04
N ARG A 35 -13.20 -6.01 -23.25
CA ARG A 35 -12.62 -5.13 -24.27
C ARG A 35 -13.69 -4.76 -25.28
N PHE A 36 -13.76 -3.47 -25.60
CA PHE A 36 -14.59 -2.94 -26.66
C PHE A 36 -13.67 -2.30 -27.69
N ASP A 37 -13.91 -2.59 -28.98
CA ASP A 37 -13.11 -2.03 -30.07
C ASP A 37 -14.03 -1.67 -31.22
N SER A 38 -14.12 -0.38 -31.52
CA SER A 38 -14.99 0.14 -32.58
C SER A 38 -14.59 -0.34 -33.97
N ASP A 39 -13.38 -0.87 -34.14
CA ASP A 39 -12.97 -1.41 -35.42
C ASP A 39 -13.59 -2.76 -35.73
N ALA A 40 -14.14 -3.44 -34.72
CA ALA A 40 -14.73 -4.76 -34.91
C ALA A 40 -15.93 -4.70 -35.84
N GLU A 41 -16.23 -5.86 -36.46
CA GLU A 41 -17.34 -5.90 -37.42
C GLU A 41 -18.66 -5.51 -36.75
N ASN A 42 -18.94 -6.09 -35.58
CA ASN A 42 -20.04 -5.63 -34.73
C ASN A 42 -19.48 -5.25 -33.37
N PRO A 43 -19.21 -3.96 -33.15
CA PRO A 43 -18.54 -3.54 -31.90
C PRO A 43 -19.37 -3.81 -30.67
N ARG A 44 -18.73 -4.33 -29.63
CA ARG A 44 -19.44 -4.69 -28.41
C ARG A 44 -18.40 -4.99 -27.35
N TYR A 45 -18.75 -4.81 -26.09
CA TYR A 45 -17.86 -5.30 -25.03
C TYR A 45 -17.77 -6.81 -25.11
N GLU A 46 -16.55 -7.35 -25.07
CA GLU A 46 -16.40 -8.79 -25.16
C GLU A 46 -15.64 -9.33 -23.95
N PRO A 47 -16.06 -10.50 -23.45
CA PRO A 47 -15.33 -11.14 -22.35
C PRO A 47 -13.90 -11.44 -22.75
N ARG A 48 -13.00 -11.27 -21.80
CA ARG A 48 -11.57 -11.42 -22.07
C ARG A 48 -10.90 -12.32 -21.05
N ALA A 49 -11.63 -12.82 -20.07
CA ALA A 49 -11.23 -13.89 -19.17
C ALA A 49 -12.41 -14.84 -19.03
N PRO A 50 -12.17 -16.15 -18.96
CA PRO A 50 -13.30 -17.11 -18.93
C PRO A 50 -14.29 -16.84 -17.82
N TRP A 51 -13.84 -16.39 -16.63
CA TRP A 51 -14.79 -16.14 -15.55
C TRP A 51 -15.80 -15.05 -15.88
N MET A 52 -15.55 -14.21 -16.89
CA MET A 52 -16.51 -13.17 -17.26
C MET A 52 -17.69 -13.70 -18.08
N GLU A 53 -17.53 -14.86 -18.73
CA GLU A 53 -18.63 -15.44 -19.50
C GLU A 53 -19.84 -15.74 -18.62
N GLN A 54 -19.64 -15.75 -17.30
CA GLN A 54 -20.72 -15.80 -16.32
C GLN A 54 -21.81 -14.77 -16.58
N GLU A 55 -21.45 -13.58 -17.11
CA GLU A 55 -22.41 -12.51 -17.24
C GLU A 55 -23.38 -12.75 -18.40
N GLY A 56 -24.65 -12.39 -18.19
CA GLY A 56 -25.67 -12.65 -19.17
C GLY A 56 -25.75 -11.58 -20.25
N PRO A 57 -26.64 -11.83 -21.23
CA PRO A 57 -26.68 -10.95 -22.41
C PRO A 57 -27.02 -9.51 -22.10
N GLU A 58 -27.86 -9.25 -21.10
CA GLU A 58 -28.18 -7.85 -20.85
C GLU A 58 -27.05 -7.10 -20.16
N TYR A 59 -26.14 -7.78 -19.45
CA TYR A 59 -24.91 -7.14 -19.04
C TYR A 59 -24.18 -6.59 -20.27
N TRP A 60 -23.86 -7.46 -21.22
CA TRP A 60 -23.10 -7.06 -22.39
C TRP A 60 -23.84 -6.02 -23.22
N GLU A 61 -25.16 -6.13 -23.33
CA GLU A 61 -25.91 -5.14 -24.09
C GLU A 61 -25.86 -3.78 -23.43
N ARG A 62 -25.89 -3.73 -22.09
CA ARG A 62 -25.85 -2.46 -21.40
C ARG A 62 -24.45 -1.82 -21.48
N GLU A 63 -23.41 -2.60 -21.15
CA GLU A 63 -22.05 -2.10 -21.29
C GLU A 63 -21.77 -1.66 -22.72
N THR A 64 -22.17 -2.46 -23.71
CA THR A 64 -21.94 -2.10 -25.10
C THR A 64 -22.60 -0.77 -25.45
N GLN A 65 -23.83 -0.54 -25.01
CA GLN A 65 -24.47 0.72 -25.37
C GLN A 65 -23.84 1.91 -24.65
N LYS A 66 -23.32 1.71 -23.43
CA LYS A 66 -22.52 2.76 -22.82
C LYS A 66 -21.29 3.08 -23.66
N ALA A 67 -20.59 2.04 -24.14
CA ALA A 67 -19.41 2.25 -24.98
C ALA A 67 -19.74 2.99 -26.26
N LYS A 68 -20.91 2.75 -26.86
CA LYS A 68 -21.27 3.54 -28.02
C LYS A 68 -21.47 5.00 -27.65
N GLY A 69 -21.94 5.27 -26.44
CA GLY A 69 -22.05 6.64 -26.01
C GLY A 69 -20.69 7.27 -25.76
N GLN A 70 -19.78 6.50 -25.14
CA GLN A 70 -18.44 7.01 -24.87
C GLN A 70 -17.70 7.31 -26.15
N GLU A 71 -17.89 6.46 -27.17
CA GLU A 71 -17.27 6.71 -28.47
C GLU A 71 -17.64 8.08 -29.01
N GLN A 72 -18.91 8.45 -28.92
CA GLN A 72 -19.33 9.76 -29.40
C GLN A 72 -18.78 10.88 -28.52
N TRP A 73 -18.71 10.64 -27.21
CA TRP A 73 -18.13 11.60 -26.29
C TRP A 73 -16.67 11.87 -26.61
N PHE A 74 -15.91 10.83 -26.96
CA PHE A 74 -14.51 10.99 -27.36
C PHE A 74 -14.38 11.73 -28.70
N ARG A 75 -15.29 11.45 -29.64
CA ARG A 75 -15.27 12.11 -30.93
C ARG A 75 -15.41 13.61 -30.77
N VAL A 76 -16.47 14.03 -30.07
CA VAL A 76 -16.70 15.43 -29.77
C VAL A 76 -15.51 16.00 -29.00
N SER A 77 -14.99 15.24 -28.03
CA SER A 77 -13.89 15.77 -27.23
C SER A 77 -12.63 15.95 -28.06
N LEU A 78 -12.34 15.02 -28.96
CA LEU A 78 -11.21 15.20 -29.85
C LEU A 78 -11.40 16.41 -30.75
N ARG A 79 -12.63 16.64 -31.21
CA ARG A 79 -12.85 17.83 -32.03
C ARG A 79 -12.66 19.10 -31.23
N ASN A 80 -13.12 19.13 -29.98
CA ASN A 80 -12.93 20.36 -29.20
C ASN A 80 -11.47 20.60 -28.89
N LEU A 81 -10.72 19.55 -28.58
CA LEU A 81 -9.31 19.71 -28.21
C LEU A 81 -8.51 20.26 -29.38
N LEU A 82 -8.84 19.84 -30.59
CA LEU A 82 -8.18 20.37 -31.78
C LEU A 82 -8.24 21.89 -31.81
N GLY A 83 -9.38 22.47 -31.42
CA GLY A 83 -9.50 23.92 -31.41
C GLY A 83 -8.80 24.56 -30.22
N TYR A 84 -8.86 23.91 -29.06
CA TYR A 84 -8.19 24.41 -27.87
C TYR A 84 -6.72 24.62 -28.10
N TYR A 85 -6.06 23.68 -28.79
CA TYR A 85 -4.64 23.74 -29.06
C TYR A 85 -4.31 24.37 -30.42
N ASN A 86 -5.30 24.94 -31.10
CA ASN A 86 -5.08 25.59 -32.39
C ASN A 86 -4.30 24.67 -33.34
N GLN A 87 -4.70 23.40 -33.33
CA GLN A 87 -4.09 22.41 -34.20
C GLN A 87 -4.91 22.40 -35.47
N SER A 88 -4.24 22.29 -36.61
CA SER A 88 -5.02 22.38 -37.83
C SER A 88 -5.48 20.97 -38.23
N ALA A 89 -6.12 20.89 -39.38
CA ALA A 89 -6.46 19.58 -39.94
C ALA A 89 -5.18 18.85 -40.36
N GLY A 90 -5.31 17.54 -40.54
CA GLY A 90 -4.20 16.80 -41.11
C GLY A 90 -3.08 16.40 -40.17
N GLY A 91 -3.43 15.89 -38.98
CA GLY A 91 -2.46 15.25 -38.11
C GLY A 91 -3.09 14.04 -37.43
N SER A 92 -2.29 13.34 -36.64
CA SER A 92 -2.78 12.24 -35.80
C SER A 92 -2.90 12.73 -34.37
N HIS A 93 -3.99 12.36 -33.71
CA HIS A 93 -4.28 12.83 -32.37
C HIS A 93 -4.80 11.68 -31.51
N THR A 94 -4.58 11.80 -30.20
CA THR A 94 -4.91 10.70 -29.28
C THR A 94 -5.48 11.28 -27.99
N LEU A 95 -6.58 10.69 -27.54
CA LEU A 95 -7.17 11.02 -26.24
C LEU A 95 -7.19 9.73 -25.43
N GLN A 96 -6.67 9.77 -24.23
CA GLN A 96 -6.60 8.57 -23.39
C GLN A 96 -7.25 8.83 -22.05
N GLN A 97 -7.80 7.76 -21.48
CA GLN A 97 -8.45 7.84 -20.18
C GLN A 97 -8.12 6.57 -19.39
N MET A 98 -7.87 6.78 -18.09
CA MET A 98 -7.80 5.70 -17.11
C MET A 98 -8.71 6.11 -15.95
N SER A 99 -9.52 5.17 -15.49
CA SER A 99 -10.44 5.42 -14.39
C SER A 99 -10.65 4.11 -13.67
N GLY A 100 -11.09 4.21 -12.44
CA GLY A 100 -11.25 3.01 -11.63
C GLY A 100 -10.99 3.30 -10.18
N CYS A 101 -10.89 2.21 -9.41
CA CYS A 101 -10.86 2.28 -7.95
C CYS A 101 -9.87 1.27 -7.42
N ASP A 102 -9.21 1.64 -6.32
CA ASP A 102 -8.30 0.77 -5.59
C ASP A 102 -8.99 0.32 -4.31
N LEU A 103 -8.87 -0.96 -3.99
CA LEU A 103 -9.44 -1.52 -2.77
C LEU A 103 -8.33 -2.04 -1.88
N GLY A 104 -8.46 -1.76 -0.59
CA GLY A 104 -7.57 -2.35 0.40
C GLY A 104 -7.85 -3.83 0.57
N SER A 105 -7.05 -4.47 1.43
CA SER A 105 -7.25 -5.89 1.72
C SER A 105 -8.59 -6.16 2.41
N ASP A 106 -9.17 -5.15 3.06
CA ASP A 106 -10.49 -5.31 3.65
C ASP A 106 -11.61 -5.08 2.64
N TRP A 107 -11.27 -4.90 1.37
CA TRP A 107 -12.19 -4.65 0.26
C TRP A 107 -12.86 -3.28 0.32
N ARG A 108 -12.41 -2.40 1.19
CA ARG A 108 -12.89 -1.03 1.25
C ARG A 108 -12.15 -0.14 0.24
N LEU A 109 -12.83 0.91 -0.23
CA LEU A 109 -12.22 1.84 -1.18
C LEU A 109 -11.02 2.56 -0.56
N LEU A 110 -9.87 2.45 -1.22
CA LEU A 110 -8.72 3.27 -0.89
C LEU A 110 -8.70 4.58 -1.67
N ARG A 111 -8.98 4.52 -2.96
CA ARG A 111 -8.78 5.67 -3.83
C ARG A 111 -9.46 5.40 -5.16
N GLY A 112 -10.09 6.44 -5.72
CA GLY A 112 -10.64 6.38 -7.07
C GLY A 112 -9.79 7.22 -8.00
N TYR A 113 -9.80 6.85 -9.28
CA TYR A 113 -8.96 7.50 -10.29
C TYR A 113 -9.80 7.93 -11.47
N LEU A 114 -9.43 9.06 -12.06
CA LEU A 114 -10.01 9.50 -13.31
C LEU A 114 -9.06 10.53 -13.90
N GLN A 115 -8.35 10.12 -14.94
CA GLN A 115 -7.27 10.90 -15.53
C GLN A 115 -7.39 10.84 -17.04
N PHE A 116 -7.03 11.95 -17.69
CA PHE A 116 -7.03 12.02 -19.14
C PHE A 116 -5.66 12.47 -19.65
N ALA A 117 -5.31 12.00 -20.84
CA ALA A 117 -4.15 12.52 -21.53
C ALA A 117 -4.52 12.82 -22.98
N TYR A 118 -3.92 13.88 -23.50
CA TYR A 118 -4.07 14.26 -24.89
C TYR A 118 -2.69 14.22 -25.51
N GLU A 119 -2.55 13.56 -26.68
CA GLU A 119 -1.25 13.36 -27.29
C GLU A 119 -0.29 12.65 -26.34
N GLY A 120 -0.80 11.79 -25.45
CA GLY A 120 0.11 11.09 -24.55
C GLY A 120 0.61 11.91 -23.37
N ARG A 121 0.03 13.07 -23.11
CA ARG A 121 0.47 13.94 -22.04
C ARG A 121 -0.70 14.32 -21.15
N ASP A 122 -0.44 14.43 -19.85
CA ASP A 122 -1.47 14.74 -18.86
C ASP A 122 -2.29 15.94 -19.28
N TYR A 123 -3.61 15.76 -19.29
CA TYR A 123 -4.52 16.82 -19.70
C TYR A 123 -5.35 17.31 -18.53
N ILE A 124 -6.12 16.42 -17.90
CA ILE A 124 -6.93 16.80 -16.75
C ILE A 124 -7.16 15.53 -15.94
N ALA A 125 -7.17 15.67 -14.62
CA ALA A 125 -7.43 14.52 -13.75
C ALA A 125 -8.33 14.94 -12.59
N LEU A 126 -9.17 14.01 -12.13
CA LEU A 126 -9.90 14.24 -10.89
C LEU A 126 -8.95 14.05 -9.72
N ASN A 127 -8.97 15.00 -8.77
CA ASN A 127 -8.06 14.90 -7.64
C ASN A 127 -8.54 13.84 -6.67
N GLU A 128 -7.68 13.50 -5.71
CA GLU A 128 -8.00 12.40 -4.81
C GLU A 128 -9.23 12.71 -3.95
N ASP A 129 -9.59 13.97 -3.78
CA ASP A 129 -10.81 14.30 -3.06
C ASP A 129 -12.07 13.94 -3.82
N LEU A 130 -11.95 13.61 -5.11
CA LEU A 130 -13.10 13.29 -5.95
C LEU A 130 -14.05 14.48 -6.07
N LYS A 131 -13.54 15.70 -5.89
CA LYS A 131 -14.37 16.89 -5.90
C LYS A 131 -13.73 18.01 -6.70
N THR A 132 -12.40 18.00 -6.84
CA THR A 132 -11.72 19.07 -7.56
C THR A 132 -10.84 18.49 -8.67
N TRP A 133 -10.59 19.32 -9.68
CA TRP A 133 -9.85 18.92 -10.87
C TRP A 133 -8.49 19.60 -10.92
N THR A 134 -7.47 18.86 -11.36
CA THR A 134 -6.17 19.41 -11.71
C THR A 134 -6.00 19.41 -13.23
N ALA A 135 -5.53 20.54 -13.78
CA ALA A 135 -5.22 20.60 -15.19
C ALA A 135 -4.00 21.49 -15.38
N ALA A 136 -2.96 21.00 -16.05
CA ALA A 136 -1.74 21.78 -16.20
C ALA A 136 -1.83 22.77 -17.36
N ASP A 137 -2.25 22.30 -18.54
CA ASP A 137 -2.20 23.13 -19.73
C ASP A 137 -3.17 24.30 -19.66
N MET A 138 -2.72 25.42 -20.22
CA MET A 138 -3.60 26.56 -20.39
C MET A 138 -4.85 26.16 -21.16
N ALA A 139 -4.68 25.38 -22.24
CA ALA A 139 -5.81 24.92 -23.02
C ALA A 139 -6.74 24.03 -22.20
N ALA A 140 -6.21 23.37 -21.17
CA ALA A 140 -7.01 22.45 -20.36
C ALA A 140 -7.96 23.17 -19.41
N GLN A 141 -7.67 24.42 -19.05
CA GLN A 141 -8.53 25.13 -18.10
C GLN A 141 -9.93 25.31 -18.63
N ILE A 142 -10.06 25.42 -19.95
CA ILE A 142 -11.38 25.49 -20.59
C ILE A 142 -12.24 24.30 -20.20
N THR A 143 -11.66 23.09 -20.23
CA THR A 143 -12.40 21.91 -19.80
C THR A 143 -12.70 21.94 -18.31
N ARG A 144 -11.70 22.28 -17.49
CA ARG A 144 -11.89 22.34 -16.04
CA ARG A 144 -11.90 22.32 -16.04
C ARG A 144 -13.06 23.22 -15.66
N ARG A 145 -13.11 24.44 -16.23
CA ARG A 145 -14.21 25.35 -15.91
C ARG A 145 -15.55 24.76 -16.33
N LYS A 146 -15.65 24.25 -17.56
CA LYS A 146 -16.87 23.59 -18.00
C LYS A 146 -17.28 22.52 -17.00
N TRP A 147 -16.34 21.66 -16.60
CA TRP A 147 -16.73 20.55 -15.76
C TRP A 147 -17.05 21.00 -14.35
N GLU A 148 -16.38 22.06 -13.88
CA GLU A 148 -16.75 22.67 -12.62
C GLU A 148 -18.15 23.26 -12.68
N GLN A 149 -18.48 23.94 -13.78
CA GLN A 149 -19.79 24.55 -13.91
C GLN A 149 -20.90 23.52 -13.95
N SER A 150 -20.66 22.42 -14.67
CA SER A 150 -21.67 21.37 -14.79
C SER A 150 -21.75 20.47 -13.56
N GLY A 151 -20.83 20.61 -12.62
CA GLY A 151 -20.77 19.69 -11.50
C GLY A 151 -20.56 18.24 -11.90
N ALA A 152 -19.76 18.02 -12.95
CA ALA A 152 -19.52 16.65 -13.44
C ALA A 152 -18.91 15.74 -12.38
N ALA A 153 -18.02 16.27 -11.53
CA ALA A 153 -17.29 15.42 -10.59
C ALA A 153 -18.21 14.72 -9.60
N GLU A 154 -19.37 15.32 -9.31
CA GLU A 154 -20.30 14.70 -8.38
C GLU A 154 -20.74 13.33 -8.89
N HIS A 155 -21.06 13.24 -10.18
CA HIS A 155 -21.41 11.95 -10.77
C HIS A 155 -20.22 10.99 -10.76
N TYR A 156 -19.01 11.50 -10.93
CA TYR A 156 -17.83 10.63 -10.97
C TYR A 156 -17.49 10.13 -9.58
N LYS A 157 -17.59 11.01 -8.59
CA LYS A 157 -17.40 10.59 -7.20
C LYS A 157 -18.37 9.48 -6.83
N ALA A 158 -19.63 9.63 -7.26
CA ALA A 158 -20.65 8.62 -6.94
C ALA A 158 -20.33 7.29 -7.61
N TYR A 159 -19.82 7.30 -8.85
CA TYR A 159 -19.40 6.05 -9.50
C TYR A 159 -18.22 5.44 -8.77
N LEU A 160 -17.18 6.24 -8.51
CA LEU A 160 -15.95 5.68 -7.96
C LEU A 160 -16.17 5.11 -6.56
N GLU A 161 -17.02 5.75 -5.76
CA GLU A 161 -17.35 5.23 -4.44
C GLU A 161 -18.48 4.21 -4.45
N GLY A 162 -19.33 4.23 -5.47
CA GLY A 162 -20.46 3.32 -5.54
C GLY A 162 -20.25 2.16 -6.50
N GLU A 163 -20.66 2.34 -7.77
CA GLU A 163 -20.68 1.24 -8.72
C GLU A 163 -19.31 0.62 -8.90
N CYS A 164 -18.25 1.45 -8.89
CA CYS A 164 -16.91 0.91 -9.07
C CYS A 164 -16.59 -0.10 -7.97
N VAL A 165 -16.94 0.22 -6.73
CA VAL A 165 -16.63 -0.70 -5.64
C VAL A 165 -17.60 -1.87 -5.66
N GLU A 166 -18.88 -1.59 -5.91
CA GLU A 166 -19.87 -2.66 -5.89
C GLU A 166 -19.62 -3.68 -6.99
N TRP A 167 -19.35 -3.21 -8.21
CA TRP A 167 -19.14 -4.18 -9.29
C TRP A 167 -17.78 -4.87 -9.16
N LEU A 168 -16.75 -4.17 -8.66
CA LEU A 168 -15.49 -4.84 -8.39
C LEU A 168 -15.68 -5.98 -7.39
N HIS A 169 -16.52 -5.77 -6.38
CA HIS A 169 -16.83 -6.87 -5.46
C HIS A 169 -17.47 -8.03 -6.21
N ARG A 170 -18.44 -7.76 -7.08
CA ARG A 170 -19.05 -8.81 -7.88
C ARG A 170 -18.02 -9.56 -8.72
N TYR A 171 -17.06 -8.83 -9.33
CA TYR A 171 -16.07 -9.49 -10.17
C TYR A 171 -15.11 -10.34 -9.35
N LEU A 172 -14.65 -9.83 -8.20
CA LEU A 172 -13.73 -10.60 -7.39
C LEU A 172 -14.35 -11.93 -6.95
N LYS A 173 -15.65 -11.92 -6.65
CA LYS A 173 -16.36 -13.16 -6.37
C LYS A 173 -16.27 -14.12 -7.55
N ASN A 174 -16.65 -13.65 -8.73
CA ASN A 174 -16.77 -14.58 -9.85
C ASN A 174 -15.43 -15.15 -10.28
N GLY A 175 -14.33 -14.48 -9.97
CA GLY A 175 -13.03 -14.98 -10.37
C GLY A 175 -12.11 -15.35 -9.22
N ASN A 176 -12.70 -15.83 -8.13
CA ASN A 176 -11.90 -16.16 -6.96
C ASN A 176 -11.18 -17.49 -7.14
N ARG A 181 -3.67 -15.25 -7.57
CA ARG A 181 -2.64 -16.14 -8.10
C ARG A 181 -1.30 -15.43 -8.27
N THR A 182 -0.24 -16.04 -7.75
CA THR A 182 1.12 -15.62 -8.00
C THR A 182 1.95 -16.83 -8.40
N ASP A 183 2.95 -16.60 -9.23
CA ASP A 183 3.95 -17.61 -9.57
C ASP A 183 5.32 -17.08 -9.22
N SER A 184 6.08 -17.85 -8.48
CA SER A 184 7.38 -17.42 -8.01
C SER A 184 8.40 -17.48 -9.14
N PRO A 185 9.42 -16.63 -9.08
CA PRO A 185 10.51 -16.73 -10.06
C PRO A 185 11.29 -18.01 -9.92
N LYS A 186 11.72 -18.56 -11.05
CA LYS A 186 12.75 -19.60 -11.08
C LYS A 186 14.01 -18.96 -11.64
N ALA A 187 15.10 -19.02 -10.89
CA ALA A 187 16.29 -18.24 -11.20
C ALA A 187 17.48 -19.17 -11.45
N HIS A 188 18.36 -18.73 -12.37
CA HIS A 188 19.65 -19.38 -12.58
C HIS A 188 20.61 -18.35 -13.15
N VAL A 189 21.91 -18.63 -13.02
CA VAL A 189 22.96 -17.75 -13.55
C VAL A 189 23.63 -18.46 -14.73
N THR A 190 23.82 -17.71 -15.82
CA THR A 190 24.56 -18.20 -16.98
C THR A 190 25.91 -17.49 -17.03
N HIS A 191 26.86 -18.13 -17.73
CA HIS A 191 28.25 -17.71 -17.78
C HIS A 191 28.61 -17.29 -19.19
N HIS A 192 29.07 -16.04 -19.34
CA HIS A 192 29.45 -15.50 -20.65
C HIS A 192 30.69 -14.63 -20.52
N PRO A 193 31.84 -15.04 -21.07
CA PRO A 193 33.06 -14.23 -20.93
C PRO A 193 33.08 -13.09 -21.95
N ARG A 194 33.09 -11.85 -21.44
CA ARG A 194 33.05 -10.67 -22.31
C ARG A 194 34.41 -10.39 -22.95
N SER A 195 35.49 -10.57 -22.19
CA SER A 195 36.84 -10.42 -22.72
C SER A 195 37.73 -11.47 -22.09
N LYS A 196 38.96 -11.54 -22.56
CA LYS A 196 39.99 -12.25 -21.81
C LYS A 196 40.26 -11.50 -20.52
N GLY A 197 40.10 -12.19 -19.40
CA GLY A 197 40.25 -11.58 -18.09
C GLY A 197 38.99 -11.03 -17.47
N GLU A 198 37.85 -11.11 -18.17
CA GLU A 198 36.56 -10.70 -17.62
C GLU A 198 35.49 -11.69 -18.04
N VAL A 199 34.40 -11.71 -17.27
CA VAL A 199 33.26 -12.61 -17.51
C VAL A 199 31.99 -11.89 -17.12
N THR A 200 30.92 -12.11 -17.89
CA THR A 200 29.59 -11.63 -17.54
C THR A 200 28.79 -12.75 -16.88
N LEU A 201 28.26 -12.49 -15.68
CA LEU A 201 27.27 -13.36 -15.07
C LEU A 201 25.90 -12.79 -15.35
N ARG A 202 25.01 -13.61 -15.90
CA ARG A 202 23.63 -13.21 -16.16
C ARG A 202 22.71 -13.98 -15.23
N CYS A 203 22.05 -13.25 -14.34
CA CYS A 203 21.06 -13.81 -13.44
C CYS A 203 19.70 -13.69 -14.10
N TRP A 204 19.07 -14.83 -14.40
CA TRP A 204 17.76 -14.88 -15.01
C TRP A 204 16.69 -15.10 -13.94
N ALA A 205 15.50 -14.59 -14.22
CA ALA A 205 14.31 -14.94 -13.45
C ALA A 205 13.21 -15.18 -14.46
N LEU A 206 12.55 -16.34 -14.37
CA LEU A 206 11.62 -16.80 -15.39
C LEU A 206 10.35 -17.30 -14.74
N GLY A 207 9.25 -17.26 -15.50
CA GLY A 207 8.01 -17.88 -15.09
C GLY A 207 7.28 -17.24 -13.93
N PHE A 208 7.48 -15.94 -13.67
CA PHE A 208 6.90 -15.33 -12.48
C PHE A 208 5.69 -14.44 -12.80
N TYR A 209 4.81 -14.33 -11.83
CA TYR A 209 3.64 -13.45 -11.90
C TYR A 209 3.27 -13.02 -10.49
N PRO A 210 2.93 -11.72 -10.29
CA PRO A 210 2.89 -10.57 -11.23
C PRO A 210 4.26 -10.14 -11.74
N ALA A 211 4.27 -9.12 -12.59
CA ALA A 211 5.47 -8.75 -13.32
C ALA A 211 6.50 -8.03 -12.45
N ASP A 212 6.09 -7.42 -11.34
CA ASP A 212 7.01 -6.64 -10.52
C ASP A 212 8.05 -7.55 -9.86
N ILE A 213 9.32 -7.17 -9.99
CA ILE A 213 10.41 -8.03 -9.54
C ILE A 213 11.66 -7.17 -9.47
N THR A 214 12.62 -7.60 -8.66
CA THR A 214 13.88 -6.89 -8.53
C THR A 214 15.01 -7.91 -8.52
N LEU A 215 16.01 -7.68 -9.37
CA LEU A 215 17.24 -8.44 -9.36
C LEU A 215 18.39 -7.50 -9.01
N THR A 216 19.28 -7.96 -8.13
CA THR A 216 20.49 -7.25 -7.79
C THR A 216 21.66 -8.20 -7.80
N TRP A 217 22.85 -7.64 -8.01
CA TRP A 217 24.11 -8.35 -7.87
C TRP A 217 24.89 -7.77 -6.71
N GLN A 218 25.53 -8.63 -5.92
CA GLN A 218 26.26 -8.14 -4.76
C GLN A 218 27.70 -8.66 -4.76
N LEU A 219 28.61 -7.78 -4.36
CA LEU A 219 30.04 -8.08 -4.33
C LEU A 219 30.38 -8.90 -3.11
N ASN A 220 30.71 -8.26 -1.99
CA ASN A 220 30.98 -9.00 -0.75
C ASN A 220 29.60 -9.16 -0.23
N GLY A 221 29.07 -7.99 0.14
CA GLY A 221 27.75 -7.73 0.62
C GLY A 221 27.55 -6.32 0.13
N GLU A 222 27.85 -6.09 -1.15
CA GLU A 222 27.78 -4.81 -1.82
C GLU A 222 26.93 -4.66 -3.09
N GLU A 223 25.78 -4.07 -2.97
CA GLU A 223 24.96 -3.81 -4.15
C GLU A 223 25.71 -2.95 -5.16
N LEU A 224 25.52 -3.26 -6.44
CA LEU A 224 26.25 -2.67 -7.57
C LEU A 224 25.23 -2.04 -8.52
N THR A 225 24.74 -0.84 -8.21
CA THR A 225 23.61 -0.30 -8.96
C THR A 225 24.01 0.13 -10.38
N GLN A 226 24.74 1.23 -10.52
CA GLN A 226 25.36 1.40 -11.83
C GLN A 226 26.40 0.30 -11.99
N ASP A 227 26.91 0.12 -13.22
CA ASP A 227 27.79 -0.97 -13.65
C ASP A 227 26.99 -2.21 -14.08
N MET A 228 25.79 -2.43 -13.55
CA MET A 228 24.98 -3.61 -13.86
C MET A 228 23.99 -3.29 -14.99
N GLU A 229 23.95 -4.17 -16.01
CA GLU A 229 22.97 -4.08 -17.08
C GLU A 229 21.77 -5.00 -16.81
N LEU A 230 20.61 -4.58 -17.29
CA LEU A 230 19.37 -5.36 -17.12
C LEU A 230 18.50 -5.19 -18.35
N VAL A 231 17.42 -5.97 -18.41
CA VAL A 231 16.36 -5.75 -19.38
C VAL A 231 15.10 -5.33 -18.64
N GLU A 232 14.24 -4.59 -19.33
CA GLU A 232 12.90 -4.37 -18.82
C GLU A 232 12.17 -5.70 -18.72
N THR A 233 11.41 -5.87 -17.65
CA THR A 233 10.59 -7.05 -17.49
C THR A 233 9.70 -7.21 -18.70
N ARG A 234 9.61 -8.44 -19.20
CA ARG A 234 8.98 -8.71 -20.47
C ARG A 234 8.08 -9.93 -20.38
N PRO A 235 6.97 -9.94 -21.10
CA PRO A 235 6.02 -11.06 -21.01
C PRO A 235 6.54 -12.26 -21.81
N ALA A 236 6.52 -13.43 -21.18
CA ALA A 236 6.81 -14.66 -21.92
C ALA A 236 5.71 -14.98 -22.92
N GLY A 237 4.52 -14.39 -22.75
CA GLY A 237 3.39 -14.64 -23.62
C GLY A 237 2.44 -15.69 -23.11
N ASP A 238 2.83 -16.45 -22.10
CA ASP A 238 2.02 -17.50 -21.50
C ASP A 238 1.33 -17.05 -20.22
N GLY A 239 1.38 -15.75 -19.91
CA GLY A 239 0.90 -15.22 -18.66
C GLY A 239 1.99 -14.89 -17.65
N THR A 240 3.19 -15.44 -17.80
CA THR A 240 4.29 -15.14 -16.90
C THR A 240 5.27 -14.16 -17.55
N PHE A 241 6.25 -13.72 -16.76
CA PHE A 241 7.18 -12.68 -17.17
C PHE A 241 8.62 -13.13 -16.98
N GLN A 242 9.55 -12.33 -17.50
CA GLN A 242 10.95 -12.65 -17.44
C GLN A 242 11.75 -11.39 -17.16
N LYS A 243 12.93 -11.57 -16.57
CA LYS A 243 13.90 -10.50 -16.43
C LYS A 243 15.26 -11.13 -16.26
N TRP A 244 16.30 -10.41 -16.68
CA TRP A 244 17.64 -10.77 -16.26
C TRP A 244 18.44 -9.51 -15.93
N ALA A 245 19.48 -9.71 -15.13
CA ALA A 245 20.44 -8.68 -14.75
C ALA A 245 21.83 -9.29 -14.81
N SER A 246 22.80 -8.55 -15.36
CA SER A 246 24.12 -9.11 -15.59
C SER A 246 25.19 -8.12 -15.19
N VAL A 247 26.36 -8.66 -14.87
CA VAL A 247 27.49 -7.89 -14.37
C VAL A 247 28.78 -8.55 -14.84
N VAL A 248 29.83 -7.74 -14.98
CA VAL A 248 31.11 -8.17 -15.52
C VAL A 248 32.07 -8.42 -14.36
N VAL A 249 32.67 -9.60 -14.31
CA VAL A 249 33.53 -9.95 -13.17
C VAL A 249 34.87 -10.48 -13.67
N PRO A 250 35.94 -10.26 -12.90
CA PRO A 250 37.20 -10.97 -13.18
C PRO A 250 37.04 -12.49 -13.00
N LEU A 251 37.60 -13.24 -13.95
CA LEU A 251 37.46 -14.69 -13.95
C LEU A 251 38.11 -15.31 -12.72
N GLY A 252 37.54 -16.41 -12.25
CA GLY A 252 38.02 -17.09 -11.06
C GLY A 252 37.36 -16.55 -9.81
N LYS A 253 36.98 -15.27 -9.88
CA LYS A 253 36.27 -14.59 -8.82
C LYS A 253 34.75 -14.67 -8.96
N GLU A 254 34.25 -15.53 -9.85
CA GLU A 254 32.80 -15.71 -9.99
C GLU A 254 32.14 -16.02 -8.65
N GLN A 255 32.86 -16.72 -7.77
CA GLN A 255 32.23 -17.20 -6.54
C GLN A 255 31.95 -16.10 -5.53
N ASN A 256 32.60 -14.95 -5.68
CA ASN A 256 32.37 -13.80 -4.82
C ASN A 256 31.26 -12.89 -5.34
N TYR A 257 30.47 -13.34 -6.30
CA TYR A 257 29.36 -12.56 -6.82
C TYR A 257 28.07 -13.33 -6.62
N THR A 258 27.10 -12.68 -5.97
CA THR A 258 25.84 -13.28 -5.60
C THR A 258 24.71 -12.44 -6.15
N CYS A 259 23.74 -13.10 -6.78
CA CYS A 259 22.55 -12.46 -7.31
C CYS A 259 21.39 -12.69 -6.34
N ARG A 260 20.53 -11.68 -6.24
CA ARG A 260 19.36 -11.78 -5.38
C ARG A 260 18.12 -11.42 -6.15
N VAL A 261 17.06 -12.21 -5.94
CA VAL A 261 15.80 -12.07 -6.64
C VAL A 261 14.70 -11.75 -5.64
N TYR A 262 14.00 -10.64 -5.89
CA TYR A 262 12.95 -10.15 -5.00
C TYR A 262 11.63 -10.16 -5.75
N HIS A 263 10.65 -10.89 -5.21
CA HIS A 263 9.36 -11.03 -5.87
C HIS A 263 8.31 -11.42 -4.82
N GLU A 264 7.11 -10.85 -4.98
CA GLU A 264 6.08 -10.97 -3.95
C GLU A 264 5.56 -12.39 -3.77
N GLY A 265 5.92 -13.33 -4.64
CA GLY A 265 5.51 -14.71 -4.44
C GLY A 265 6.48 -15.56 -3.65
N LEU A 266 7.65 -15.00 -3.34
CA LEU A 266 8.72 -15.74 -2.67
C LEU A 266 8.56 -15.69 -1.16
N PRO A 267 8.77 -16.83 -0.48
CA PRO A 267 8.76 -16.81 1.00
C PRO A 267 9.84 -15.94 1.57
N GLU A 268 10.98 -15.88 0.88
CA GLU A 268 12.05 -14.93 1.16
C GLU A 268 12.79 -14.71 -0.15
N PRO A 269 13.54 -13.62 -0.27
CA PRO A 269 14.36 -13.43 -1.48
C PRO A 269 15.24 -14.66 -1.74
N LEU A 270 15.46 -14.95 -3.02
CA LEU A 270 16.38 -15.98 -3.44
C LEU A 270 17.77 -15.38 -3.58
N THR A 271 18.77 -16.12 -3.09
CA THR A 271 20.18 -15.82 -3.33
C THR A 271 20.75 -16.96 -4.17
N LEU A 272 21.59 -16.62 -5.15
CA LEU A 272 22.12 -17.67 -6.01
C LEU A 272 23.43 -17.23 -6.62
N ARG A 273 24.19 -18.21 -7.12
CA ARG A 273 25.48 -17.96 -7.73
C ARG A 273 25.60 -18.80 -8.99
N TRP A 274 26.62 -18.46 -9.78
CA TRP A 274 27.00 -19.29 -10.91
C TRP A 274 27.41 -20.69 -10.42
N GLU A 275 26.89 -21.71 -11.07
CA GLU A 275 27.16 -23.09 -10.68
C GLU A 275 27.86 -23.85 -11.80
N PRO A 276 29.19 -24.05 -11.70
CA PRO A 276 29.98 -24.91 -12.60
C PRO A 276 29.30 -26.25 -12.91
N ILE B 1 3.95 14.73 -28.27
CA ILE B 1 5.03 14.42 -29.19
C ILE B 1 5.24 12.91 -29.31
N GLN B 2 6.15 12.56 -30.21
CA GLN B 2 6.36 11.17 -30.58
C GLN B 2 7.34 10.52 -29.61
N LYS B 3 7.07 9.26 -29.27
CA LYS B 3 7.90 8.46 -28.38
C LYS B 3 8.39 7.22 -29.12
N THR B 4 9.66 6.94 -28.95
CA THR B 4 10.39 5.98 -29.77
C THR B 4 10.23 4.57 -29.22
N PRO B 5 9.78 3.62 -30.05
CA PRO B 5 9.52 2.27 -29.53
C PRO B 5 10.81 1.61 -29.06
N GLN B 6 10.74 1.04 -27.86
CA GLN B 6 11.77 0.15 -27.33
C GLN B 6 11.39 -1.28 -27.65
N ILE B 7 12.39 -2.08 -28.06
CA ILE B 7 12.16 -3.38 -28.65
C ILE B 7 13.01 -4.42 -27.93
N GLN B 8 12.39 -5.56 -27.58
CA GLN B 8 13.11 -6.74 -27.11
C GLN B 8 12.65 -7.92 -27.95
N VAL B 9 13.59 -8.81 -28.25
CA VAL B 9 13.35 -10.00 -29.05
C VAL B 9 13.94 -11.16 -28.27
N TYR B 10 13.11 -12.15 -27.95
CA TYR B 10 13.53 -13.16 -26.99
C TYR B 10 12.57 -14.33 -27.09
N SER B 11 13.02 -15.48 -26.62
CA SER B 11 12.22 -16.70 -26.72
C SER B 11 11.36 -16.88 -25.48
N ARG B 12 10.21 -17.53 -25.64
CA ARG B 12 9.38 -17.82 -24.46
C ARG B 12 10.11 -18.79 -23.52
N HIS B 13 10.64 -19.88 -24.06
CA HIS B 13 11.33 -20.89 -23.26
C HIS B 13 12.82 -20.87 -23.55
N PRO B 14 13.65 -21.31 -22.60
CA PRO B 14 15.10 -21.36 -22.83
C PRO B 14 15.40 -22.05 -24.15
N PRO B 15 16.18 -21.41 -25.02
CA PRO B 15 16.30 -21.92 -26.39
C PRO B 15 17.17 -23.17 -26.45
N GLU B 16 16.73 -24.13 -27.25
CA GLU B 16 17.51 -25.32 -27.56
C GLU B 16 17.46 -25.51 -29.07
N ASN B 17 18.65 -25.61 -29.68
CA ASN B 17 18.72 -25.80 -31.11
C ASN B 17 17.92 -27.03 -31.51
N GLY B 18 17.10 -26.90 -32.55
CA GLY B 18 16.30 -27.98 -33.08
C GLY B 18 15.02 -28.25 -32.33
N LYS B 19 14.72 -27.49 -31.29
CA LYS B 19 13.57 -27.73 -30.41
C LYS B 19 12.55 -26.60 -30.55
N PRO B 20 11.29 -26.93 -30.84
CA PRO B 20 10.29 -25.89 -31.12
C PRO B 20 10.07 -24.98 -29.91
N ASN B 21 9.76 -23.72 -30.20
CA ASN B 21 9.75 -22.68 -29.19
C ASN B 21 8.91 -21.51 -29.71
N ILE B 22 8.84 -20.43 -28.95
CA ILE B 22 8.06 -19.26 -29.34
C ILE B 22 8.97 -18.05 -29.27
N LEU B 23 9.07 -17.33 -30.39
CA LEU B 23 9.90 -16.12 -30.43
C LEU B 23 9.00 -14.90 -30.25
N ASN B 24 9.36 -14.02 -29.31
CA ASN B 24 8.62 -12.81 -28.99
C ASN B 24 9.33 -11.55 -29.50
N CYS B 25 8.52 -10.60 -29.97
CA CYS B 25 8.98 -9.23 -30.21
C CYS B 25 8.12 -8.30 -29.37
N TYR B 26 8.69 -7.79 -28.30
CA TYR B 26 7.96 -6.96 -27.35
C TYR B 26 8.32 -5.49 -27.58
N VAL B 27 7.31 -4.69 -27.94
CA VAL B 27 7.53 -3.29 -28.34
C VAL B 27 6.79 -2.38 -27.36
N THR B 28 7.53 -1.45 -26.74
CA THR B 28 7.00 -0.65 -25.65
C THR B 28 7.32 0.82 -25.85
N GLN B 29 6.62 1.66 -25.08
CA GLN B 29 6.95 3.07 -24.86
C GLN B 29 6.86 3.91 -26.12
N PHE B 30 5.95 3.60 -27.04
CA PHE B 30 5.77 4.42 -28.22
C PHE B 30 4.48 5.21 -28.15
N HIS B 31 4.42 6.22 -29.00
CA HIS B 31 3.29 7.12 -29.13
C HIS B 31 3.56 7.88 -30.40
N PRO B 32 2.57 8.00 -31.30
CA PRO B 32 1.18 7.53 -31.31
C PRO B 32 1.09 5.99 -31.40
N PRO B 33 -0.10 5.41 -31.20
CA PRO B 33 -0.20 3.94 -31.13
C PRO B 33 -0.06 3.23 -32.46
N HIS B 34 -0.32 3.90 -33.57
CA HIS B 34 -0.10 3.29 -34.88
C HIS B 34 1.36 2.85 -35.02
N ILE B 35 1.56 1.62 -35.50
CA ILE B 35 2.90 0.99 -35.56
C ILE B 35 2.84 -0.23 -36.46
N GLU B 36 3.96 -0.58 -37.09
CA GLU B 36 4.06 -1.78 -37.92
C GLU B 36 5.21 -2.63 -37.41
N ILE B 37 4.97 -3.92 -37.22
CA ILE B 37 5.95 -4.84 -36.65
C ILE B 37 6.04 -6.06 -37.55
N GLN B 38 7.28 -6.43 -37.95
CA GLN B 38 7.53 -7.63 -38.73
C GLN B 38 8.61 -8.45 -38.05
N MET B 39 8.49 -9.78 -38.15
CA MET B 39 9.46 -10.70 -37.61
C MET B 39 10.06 -11.47 -38.77
N LEU B 40 11.39 -11.62 -38.76
CA LEU B 40 12.13 -12.12 -39.91
C LEU B 40 12.99 -13.30 -39.52
N LYS B 41 13.11 -14.24 -40.45
CA LYS B 41 14.05 -15.35 -40.34
C LYS B 41 14.96 -15.28 -41.55
N ASN B 42 16.26 -15.20 -41.30
CA ASN B 42 17.25 -15.00 -42.36
C ASN B 42 16.81 -13.93 -43.35
N GLY B 43 16.25 -12.84 -42.83
CA GLY B 43 15.85 -11.70 -43.63
C GLY B 43 14.54 -11.89 -44.37
N LYS B 44 13.82 -12.97 -44.11
CA LYS B 44 12.56 -13.23 -44.80
C LYS B 44 11.41 -13.11 -43.79
N LYS B 45 10.33 -12.45 -44.21
CA LYS B 45 9.17 -12.29 -43.33
C LYS B 45 8.58 -13.65 -42.93
N ILE B 46 8.24 -13.78 -41.65
CA ILE B 46 7.70 -15.03 -41.14
C ILE B 46 6.20 -14.95 -41.36
N PRO B 47 5.58 -15.91 -42.05
CA PRO B 47 4.21 -15.69 -42.58
C PRO B 47 3.15 -15.39 -41.52
N LYS B 48 2.98 -16.26 -40.54
CA LYS B 48 1.94 -16.06 -39.53
C LYS B 48 2.62 -15.53 -38.27
N VAL B 49 2.32 -14.28 -37.92
CA VAL B 49 2.81 -13.65 -36.71
C VAL B 49 1.61 -13.16 -35.92
N GLU B 50 1.47 -13.65 -34.69
CA GLU B 50 0.38 -13.25 -33.82
C GLU B 50 0.68 -11.92 -33.18
N MET B 51 -0.36 -11.13 -32.99
CA MET B 51 -0.21 -9.75 -32.55
C MET B 51 -1.17 -9.50 -31.41
N SER B 52 -0.63 -9.11 -30.24
CA SER B 52 -1.50 -8.72 -29.14
C SER B 52 -2.31 -7.46 -29.51
N ASP B 53 -3.39 -7.21 -28.75
CA ASP B 53 -4.28 -6.07 -29.00
C ASP B 53 -3.70 -4.80 -28.38
N MET B 54 -4.14 -3.66 -28.91
CA MET B 54 -3.66 -2.35 -28.45
C MET B 54 -3.89 -2.18 -26.94
N SER B 55 -2.84 -1.78 -26.23
CA SER B 55 -2.87 -1.55 -24.80
C SER B 55 -1.91 -0.43 -24.45
N PHE B 56 -2.11 0.17 -23.28
CA PHE B 56 -1.19 1.22 -22.85
C PHE B 56 -1.03 1.13 -21.33
N SER B 57 0.12 1.60 -20.86
CA SER B 57 0.51 1.53 -19.46
C SER B 57 0.15 2.83 -18.74
N LYS B 58 0.37 2.82 -17.41
CA LYS B 58 0.01 3.95 -16.56
C LYS B 58 0.66 5.25 -17.03
N ASP B 59 1.87 5.19 -17.55
CA ASP B 59 2.52 6.40 -18.04
C ASP B 59 1.97 6.87 -19.38
N TRP B 60 0.92 6.22 -19.90
CA TRP B 60 0.21 6.51 -21.14
C TRP B 60 0.86 5.93 -22.40
N SER B 61 2.06 5.37 -22.33
CA SER B 61 2.71 4.81 -23.52
C SER B 61 2.11 3.46 -23.90
N PHE B 62 2.15 3.19 -25.20
CA PHE B 62 1.54 1.98 -25.74
C PHE B 62 2.52 0.82 -25.76
N TYR B 63 1.97 -0.40 -25.82
CA TYR B 63 2.84 -1.56 -25.94
C TYR B 63 2.13 -2.70 -26.66
N ILE B 64 2.92 -3.54 -27.30
CA ILE B 64 2.38 -4.67 -28.06
C ILE B 64 3.41 -5.79 -28.00
N LEU B 65 2.90 -7.03 -27.96
CA LEU B 65 3.69 -8.24 -28.06
C LEU B 65 3.35 -8.95 -29.37
N ALA B 66 4.34 -9.10 -30.24
CA ALA B 66 4.22 -9.96 -31.40
C ALA B 66 4.93 -11.27 -31.11
N HIS B 67 4.42 -12.36 -31.66
CA HIS B 67 5.09 -13.63 -31.42
C HIS B 67 4.78 -14.62 -32.54
N THR B 68 5.66 -15.62 -32.65
CA THR B 68 5.52 -16.63 -33.69
C THR B 68 6.28 -17.88 -33.30
N GLU B 69 5.83 -19.01 -33.79
CA GLU B 69 6.55 -20.26 -33.57
C GLU B 69 7.90 -20.22 -34.30
N PHE B 70 8.93 -20.76 -33.66
CA PHE B 70 10.20 -20.88 -34.36
C PHE B 70 10.95 -22.03 -33.74
N THR B 71 11.89 -22.55 -34.52
CA THR B 71 12.79 -23.61 -34.05
C THR B 71 14.20 -23.11 -34.24
N PRO B 72 14.84 -22.63 -33.17
CA PRO B 72 16.18 -22.07 -33.29
C PRO B 72 17.21 -23.09 -33.76
N THR B 73 18.19 -22.60 -34.52
CA THR B 73 19.35 -23.39 -34.89
C THR B 73 20.62 -22.60 -34.58
N GLU B 74 21.76 -23.22 -34.85
CA GLU B 74 23.02 -22.57 -34.55
C GLU B 74 23.28 -21.39 -35.50
N THR B 75 22.71 -21.41 -36.71
CA THR B 75 23.09 -20.42 -37.71
C THR B 75 21.98 -19.52 -38.22
N ASP B 76 20.71 -19.81 -37.94
CA ASP B 76 19.61 -18.98 -38.42
C ASP B 76 19.53 -17.66 -37.64
N THR B 77 19.34 -16.56 -38.36
CA THR B 77 19.15 -15.26 -37.71
C THR B 77 17.67 -14.90 -37.67
N TYR B 78 17.19 -14.55 -36.49
CA TYR B 78 15.84 -14.05 -36.28
C TYR B 78 15.87 -12.58 -35.84
N ALA B 79 14.94 -11.79 -36.39
CA ALA B 79 14.93 -10.36 -36.14
C ALA B 79 13.50 -9.84 -36.03
N CYS B 80 13.37 -8.65 -35.44
CA CYS B 80 12.10 -7.94 -35.40
C CYS B 80 12.33 -6.54 -35.98
N ARG B 81 11.58 -6.20 -37.00
CA ARG B 81 11.66 -4.90 -37.66
C ARG B 81 10.42 -4.07 -37.32
N VAL B 82 10.63 -2.82 -36.91
CA VAL B 82 9.57 -1.98 -36.41
C VAL B 82 9.61 -0.65 -37.15
N LYS B 83 8.46 -0.25 -37.73
CA LYS B 83 8.28 1.06 -38.35
C LYS B 83 7.29 1.87 -37.54
N HIS B 84 7.69 3.08 -37.16
CA HIS B 84 6.88 3.97 -36.33
C HIS B 84 7.27 5.41 -36.68
N ASP B 85 6.28 6.32 -36.60
CA ASP B 85 6.48 7.68 -37.09
C ASP B 85 7.53 8.45 -36.29
N SER B 86 7.87 8.00 -35.09
CA SER B 86 8.96 8.63 -34.33
C SER B 86 10.33 8.36 -34.93
N MET B 87 10.43 7.57 -35.99
CA MET B 87 11.71 7.14 -36.52
C MET B 87 11.73 7.37 -38.02
N ALA B 88 12.83 7.95 -38.52
CA ALA B 88 12.94 8.14 -39.96
C ALA B 88 13.22 6.82 -40.67
N GLU B 89 14.00 5.90 -40.03
CA GLU B 89 14.29 4.52 -40.46
C GLU B 89 13.51 3.51 -39.63
N PRO B 90 13.16 2.37 -40.20
CA PRO B 90 12.77 1.22 -39.36
C PRO B 90 13.95 0.76 -38.52
N LYS B 91 13.63 0.31 -37.31
CA LYS B 91 14.60 -0.24 -36.38
C LYS B 91 14.47 -1.76 -36.38
N THR B 92 15.60 -2.45 -36.47
CA THR B 92 15.66 -3.90 -36.39
C THR B 92 16.44 -4.31 -35.15
N VAL B 93 15.87 -5.19 -34.34
CA VAL B 93 16.57 -5.82 -33.22
C VAL B 93 16.72 -7.30 -33.55
N TYR B 94 17.93 -7.84 -33.39
CA TYR B 94 18.23 -9.23 -33.75
C TYR B 94 18.16 -10.10 -32.52
N TRP B 95 17.62 -11.31 -32.68
CA TRP B 95 17.54 -12.23 -31.54
C TRP B 95 18.93 -12.66 -31.11
N ASP B 96 19.18 -12.60 -29.81
CA ASP B 96 20.41 -13.11 -29.22
C ASP B 96 20.01 -14.16 -28.17
N ARG B 97 20.36 -15.42 -28.41
CA ARG B 97 19.90 -16.50 -27.54
C ARG B 97 20.36 -16.34 -26.09
N ASP B 98 21.39 -15.53 -25.84
CA ASP B 98 21.89 -15.31 -24.49
C ASP B 98 21.20 -14.16 -23.78
N MET B 99 20.20 -13.53 -24.39
CA MET B 99 19.62 -12.31 -23.83
C MET B 99 18.09 -12.26 -23.90
N MET C 1 -17.62 -2.79 -14.73
CA MET C 1 -18.58 -1.79 -15.17
C MET C 1 -17.91 -0.45 -15.44
N CYS C 2 -17.95 -0.02 -16.67
CA CYS C 2 -17.23 1.15 -17.11
C CYS C 2 -17.94 2.42 -16.72
N LEU C 3 -17.19 3.46 -16.48
CA LEU C 3 -17.75 4.74 -16.18
C LEU C 3 -18.31 5.48 -17.38
N ARG C 4 -19.41 6.16 -17.16
CA ARG C 4 -20.04 7.01 -18.11
CA ARG C 4 -20.06 6.91 -18.10
C ARG C 4 -19.64 8.45 -17.91
N THR C 6 -20.01 12.35 -18.61
CA THR C 6 -21.11 13.22 -18.92
C THR C 6 -20.68 14.34 -19.88
N ALA C 7 -20.32 15.46 -19.30
CA ALA C 7 -20.00 16.64 -20.10
C ALA C 7 -18.75 16.41 -20.93
N VAL C 8 -18.81 16.77 -22.21
CA VAL C 8 -17.65 16.65 -23.09
C VAL C 8 -16.56 17.63 -22.66
N MET C 9 -15.34 17.36 -23.13
CA MET C 9 -14.22 18.26 -22.82
C MET C 9 -14.41 19.61 -23.47
N GLY D 1 4.15 -11.34 2.31
CA GLY D 1 3.17 -10.30 2.58
C GLY D 1 4.03 -9.17 3.00
N PRO D 2 3.49 -8.02 3.32
CA PRO D 2 4.41 -6.94 3.71
C PRO D 2 4.96 -7.08 5.13
N HIS D 3 5.99 -6.30 5.45
CA HIS D 3 6.63 -6.35 6.75
C HIS D 3 7.11 -4.97 7.14
N SER D 4 7.50 -4.82 8.41
CA SER D 4 7.90 -3.52 8.92
C SER D 4 8.70 -3.71 10.20
N MET D 5 9.52 -2.70 10.51
CA MET D 5 10.20 -2.57 11.78
C MET D 5 10.06 -1.13 12.25
N ARG D 6 9.85 -0.93 13.55
CA ARG D 6 9.68 0.40 14.12
C ARG D 6 10.33 0.45 15.49
N TYR D 7 10.96 1.59 15.79
CA TYR D 7 11.36 1.94 17.16
C TYR D 7 10.56 3.17 17.57
N PHE D 8 9.87 3.05 18.69
CA PHE D 8 9.11 4.14 19.30
C PHE D 8 9.89 4.54 20.53
N GLU D 9 10.37 5.77 20.55
CA GLU D 9 11.25 6.19 21.63
C GLU D 9 10.58 7.36 22.31
N THR D 10 10.66 7.38 23.64
CA THR D 10 10.02 8.45 24.37
C THR D 10 10.98 8.94 25.42
N ALA D 11 11.02 10.25 25.61
CA ALA D 11 11.71 10.83 26.74
C ALA D 11 10.75 11.77 27.44
N VAL D 12 10.67 11.64 28.76
CA VAL D 12 9.62 12.28 29.55
C VAL D 12 10.30 13.04 30.67
N SER D 13 9.99 14.32 30.80
CA SER D 13 10.38 15.08 31.97
C SER D 13 9.12 15.47 32.75
N ARG D 14 9.25 15.48 34.07
CA ARG D 14 8.17 15.74 35.00
C ARG D 14 8.74 16.60 36.10
N PRO D 15 7.91 17.38 36.79
CA PRO D 15 8.39 17.98 38.04
C PRO D 15 8.73 16.91 39.07
N GLY D 16 7.98 15.81 39.08
CA GLY D 16 8.27 14.69 39.96
C GLY D 16 9.22 13.65 39.39
N LEU D 17 10.29 14.11 38.74
CA LEU D 17 11.36 13.24 38.28
C LEU D 17 12.66 14.05 38.29
N GLU D 18 13.74 13.41 38.74
CA GLU D 18 15.03 14.08 38.79
C GLU D 18 15.59 14.31 37.39
N GLU D 19 15.73 13.24 36.63
CA GLU D 19 16.14 13.25 35.24
C GLU D 19 15.03 12.69 34.37
N PRO D 20 15.02 13.02 33.07
CA PRO D 20 14.05 12.42 32.16
C PRO D 20 14.11 10.90 32.12
N ARG D 21 12.96 10.28 31.81
CA ARG D 21 12.86 8.84 31.61
C ARG D 21 12.87 8.55 30.11
N TYR D 22 13.79 7.71 29.68
CA TYR D 22 13.92 7.36 28.28
C TYR D 22 13.48 5.91 28.09
N ILE D 23 12.54 5.70 27.18
CA ILE D 23 12.08 4.35 26.84
C ILE D 23 12.22 4.16 25.34
N SER D 24 12.74 2.99 24.95
CA SER D 24 12.77 2.63 23.53
C SER D 24 12.13 1.26 23.37
N VAL D 25 11.13 1.15 22.49
CA VAL D 25 10.49 -0.13 22.20
C VAL D 25 10.60 -0.43 20.71
N GLY D 26 11.10 -1.61 20.38
CA GLY D 26 11.22 -2.03 18.99
C GLY D 26 10.10 -2.96 18.62
N TYR D 27 9.60 -2.83 17.39
CA TYR D 27 8.54 -3.70 16.88
C TYR D 27 8.96 -4.30 15.55
N VAL D 28 8.59 -5.55 15.34
CA VAL D 28 8.66 -6.20 14.04
C VAL D 28 7.24 -6.64 13.69
N ASP D 29 6.74 -6.15 12.55
CA ASP D 29 5.34 -6.35 12.15
C ASP D 29 4.38 -6.05 13.31
N ASN D 30 4.56 -4.88 13.91
CA ASN D 30 3.74 -4.35 14.99
C ASN D 30 3.70 -5.26 16.22
N LYS D 31 4.66 -6.15 16.37
CA LYS D 31 4.80 -6.96 17.57
C LYS D 31 6.11 -6.60 18.27
N GLU D 32 6.05 -6.41 19.59
CA GLU D 32 7.21 -5.92 20.33
C GLU D 32 8.31 -7.00 20.38
N PHE D 33 9.54 -6.60 20.09
CA PHE D 33 10.61 -7.58 20.14
C PHE D 33 11.80 -7.19 20.99
N VAL D 34 12.04 -5.89 21.24
CA VAL D 34 13.08 -5.43 22.17
C VAL D 34 12.53 -4.27 22.99
N ARG D 35 13.12 -4.06 24.16
CA ARG D 35 12.72 -2.94 25.00
C ARG D 35 13.87 -2.46 25.86
N PHE D 36 14.03 -1.13 25.93
CA PHE D 36 14.97 -0.45 26.81
C PHE D 36 14.22 0.55 27.66
N ASP D 37 14.49 0.55 28.96
CA ASP D 37 13.82 1.45 29.90
C ASP D 37 14.85 1.95 30.91
N SER D 38 15.00 3.28 31.00
CA SER D 38 16.10 3.85 31.75
C SER D 38 15.91 3.75 33.25
N ASP D 39 14.70 3.64 33.76
CA ASP D 39 14.61 3.52 35.22
C ASP D 39 14.50 2.06 35.66
N ALA D 40 14.81 1.11 34.79
CA ALA D 40 15.09 -0.24 35.26
C ALA D 40 16.34 -0.24 36.12
N GLU D 41 16.48 -1.29 36.95
CA GLU D 41 17.61 -1.34 37.88
C GLU D 41 18.93 -1.37 37.11
N ASN D 42 19.00 -2.22 36.10
CA ASN D 42 20.11 -2.25 35.14
C ASN D 42 19.53 -1.95 33.77
N PRO D 43 19.60 -0.70 33.30
CA PRO D 43 19.01 -0.37 31.99
C PRO D 43 19.75 -1.09 30.88
N ARG D 44 19.02 -1.90 30.11
CA ARG D 44 19.56 -2.49 28.90
C ARG D 44 18.40 -2.79 27.96
N TYR D 45 18.73 -2.93 26.68
CA TYR D 45 17.80 -3.60 25.78
C TYR D 45 17.66 -5.05 26.21
N GLU D 46 16.41 -5.50 26.33
CA GLU D 46 16.04 -6.87 26.66
C GLU D 46 15.23 -7.49 25.52
N PRO D 47 15.49 -8.76 25.17
CA PRO D 47 14.58 -9.45 24.24
C PRO D 47 13.20 -9.57 24.85
N ARG D 48 12.18 -9.32 24.03
CA ARG D 48 10.79 -9.31 24.46
C ARG D 48 9.96 -10.39 23.77
N ALA D 49 10.61 -11.28 23.03
CA ALA D 49 9.99 -12.45 22.44
C ALA D 49 11.06 -13.53 22.40
N PRO D 50 10.68 -14.81 22.59
CA PRO D 50 11.69 -15.87 22.71
C PRO D 50 12.66 -15.93 21.54
N TRP D 51 12.18 -15.69 20.32
CA TRP D 51 13.05 -15.83 19.16
C TRP D 51 14.19 -14.81 19.14
N MET D 52 14.10 -13.70 19.88
CA MET D 52 15.23 -12.77 19.89
C MET D 52 16.35 -13.21 20.81
N GLU D 53 16.12 -14.18 21.69
CA GLU D 53 17.18 -14.61 22.59
C GLU D 53 18.34 -15.30 21.89
N GLN D 54 18.20 -15.64 20.60
CA GLN D 54 19.34 -16.20 19.86
C GLN D 54 20.51 -15.22 19.79
N GLU D 55 20.22 -13.92 19.71
CA GLU D 55 21.27 -12.94 19.48
C GLU D 55 22.26 -12.96 20.63
N GLY D 56 23.55 -12.93 20.29
CA GLY D 56 24.59 -13.08 21.27
C GLY D 56 24.89 -11.81 22.04
N PRO D 57 25.83 -11.91 22.99
CA PRO D 57 26.05 -10.79 23.92
C PRO D 57 26.59 -9.54 23.24
N GLU D 58 27.27 -9.67 22.10
CA GLU D 58 27.76 -8.50 21.39
C GLU D 58 26.61 -7.68 20.81
N TYR D 59 25.55 -8.36 20.36
CA TYR D 59 24.39 -7.65 19.85
C TYR D 59 23.74 -6.81 20.94
N TRP D 60 23.54 -7.40 22.11
CA TRP D 60 22.88 -6.69 23.20
C TRP D 60 23.76 -5.58 23.77
N GLU D 61 25.07 -5.82 23.89
CA GLU D 61 25.94 -4.77 24.40
C GLU D 61 25.89 -3.55 23.51
N ARG D 62 25.94 -3.79 22.19
CA ARG D 62 25.99 -2.71 21.21
C ARG D 62 24.65 -1.99 21.11
N GLU D 63 23.52 -2.72 21.10
CA GLU D 63 22.22 -2.07 21.14
C GLU D 63 22.04 -1.26 22.42
N THR D 64 22.49 -1.80 23.54
CA THR D 64 22.36 -1.08 24.81
C THR D 64 23.20 0.19 24.82
N GLN D 65 24.42 0.13 24.29
CA GLN D 65 25.21 1.35 24.21
C GLN D 65 24.53 2.38 23.32
N LYS D 66 23.95 1.94 22.20
CA LYS D 66 23.20 2.88 21.37
C LYS D 66 22.07 3.51 22.17
N ALA D 67 21.35 2.72 22.98
CA ALA D 67 20.25 3.27 23.77
C ALA D 67 20.75 4.26 24.82
N LYS D 68 21.91 3.98 25.44
CA LYS D 68 22.45 4.93 26.41
C LYS D 68 22.82 6.25 25.74
N GLY D 69 23.28 6.19 24.49
CA GLY D 69 23.54 7.43 23.76
C GLY D 69 22.27 8.15 23.37
N GLN D 70 21.26 7.40 22.90
CA GLN D 70 19.94 7.99 22.64
C GLN D 70 19.40 8.69 23.88
N GLU D 71 19.50 8.04 25.05
CA GLU D 71 19.02 8.67 26.27
C GLU D 71 19.66 10.04 26.45
N GLN D 72 20.98 10.12 26.26
CA GLN D 72 21.66 11.40 26.40
C GLN D 72 21.25 12.36 25.30
N TRP D 73 21.08 11.83 24.08
CA TRP D 73 20.64 12.65 22.96
C TRP D 73 19.29 13.30 23.23
N PHE D 74 18.34 12.53 23.79
CA PHE D 74 17.03 13.06 24.16
C PHE D 74 17.14 14.03 25.33
N ARG D 75 18.02 13.73 26.28
CA ARG D 75 18.13 14.59 27.44
C ARG D 75 18.55 16.00 27.04
N VAL D 76 19.56 16.12 26.15
CA VAL D 76 20.01 17.42 25.69
C VAL D 76 18.97 18.04 24.75
N SER D 77 18.38 17.22 23.90
CA SER D 77 17.32 17.73 23.03
C SER D 77 16.20 18.32 23.83
N LEU D 78 15.76 17.65 24.90
CA LEU D 78 14.73 18.23 25.78
C LEU D 78 15.21 19.55 26.37
N ARG D 79 16.47 19.61 26.82
CA ARG D 79 16.91 20.88 27.38
C ARG D 79 16.98 21.95 26.32
N ASN D 80 17.35 21.58 25.09
CA ASN D 80 17.40 22.58 24.04
C ASN D 80 15.99 23.09 23.71
N LEU D 81 15.00 22.18 23.61
CA LEU D 81 13.65 22.58 23.24
C LEU D 81 13.04 23.55 24.25
N LEU D 82 13.34 23.33 25.54
CA LEU D 82 12.92 24.28 26.56
C LEU D 82 13.35 25.71 26.21
N GLY D 83 14.56 25.85 25.69
CA GLY D 83 15.02 27.18 25.32
C GLY D 83 14.38 27.65 24.03
N TYR D 84 14.20 26.74 23.07
CA TYR D 84 13.63 27.14 21.79
C TYR D 84 12.24 27.72 21.96
N TYR D 85 11.43 27.12 22.85
CA TYR D 85 10.05 27.52 23.08
C TYR D 85 9.89 28.45 24.28
N ASN D 86 10.99 28.87 24.90
CA ASN D 86 10.96 29.82 26.01
C ASN D 86 10.06 29.33 27.14
N GLN D 87 10.17 28.04 27.46
CA GLN D 87 9.33 27.44 28.48
C GLN D 87 10.11 27.52 29.79
N SER D 88 9.46 27.99 30.85
CA SER D 88 10.24 28.09 32.07
C SER D 88 10.25 26.74 32.78
N ALA D 89 11.24 26.55 33.66
CA ALA D 89 11.40 25.29 34.35
C ALA D 89 10.16 24.99 35.20
N GLY D 90 9.91 23.71 35.43
CA GLY D 90 8.83 23.28 36.28
C GLY D 90 7.54 22.85 35.60
N GLY D 91 7.62 22.32 34.38
CA GLY D 91 6.45 21.75 33.75
C GLY D 91 6.71 20.30 33.36
N SER D 92 5.80 19.68 32.62
CA SER D 92 6.07 18.36 32.05
C SER D 92 6.37 18.52 30.58
N HIS D 93 7.40 17.84 30.10
CA HIS D 93 7.71 17.90 28.69
C HIS D 93 7.92 16.50 28.14
N THR D 94 7.53 16.30 26.89
CA THR D 94 7.72 14.99 26.28
C THR D 94 8.26 15.11 24.87
N LEU D 95 9.18 14.22 24.56
CA LEU D 95 9.75 14.07 23.23
C LEU D 95 9.55 12.63 22.78
N GLN D 96 8.98 12.45 21.58
CA GLN D 96 8.68 11.14 21.03
C GLN D 96 9.27 11.02 19.63
N GLN D 97 9.73 9.82 19.32
CA GLN D 97 10.31 9.51 18.04
C GLN D 97 9.72 8.21 17.50
N MET D 98 9.44 8.19 16.19
CA MET D 98 9.20 6.95 15.45
CA MET D 98 9.17 6.97 15.42
C MET D 98 10.15 6.90 14.27
N SER D 99 10.76 5.74 14.06
CA SER D 99 11.63 5.52 12.92
C SER D 99 11.55 4.04 12.54
N GLY D 100 11.85 3.75 11.28
CA GLY D 100 11.85 2.37 10.83
C GLY D 100 11.58 2.30 9.35
N CYS D 101 11.21 1.11 8.89
CA CYS D 101 11.07 0.85 7.47
C CYS D 101 9.85 -0.03 7.23
N ASP D 102 9.21 0.18 6.09
CA ASP D 102 8.18 -0.73 5.60
C ASP D 102 8.74 -1.50 4.40
N LEU D 103 8.49 -2.80 4.36
CA LEU D 103 8.88 -3.62 3.22
C LEU D 103 7.64 -4.07 2.46
N GLY D 104 7.76 -4.14 1.14
CA GLY D 104 6.72 -4.77 0.35
C GLY D 104 6.72 -6.28 0.54
N SER D 105 5.73 -6.92 -0.08
CA SER D 105 5.71 -8.38 -0.05
C SER D 105 6.89 -8.98 -0.79
N ASP D 106 7.66 -8.18 -1.54
CA ASP D 106 8.91 -8.65 -2.09
C ASP D 106 10.08 -8.47 -1.13
N TRP D 107 9.84 -7.96 0.09
CA TRP D 107 10.86 -7.68 1.10
C TRP D 107 11.76 -6.52 0.71
N ARG D 108 11.34 -5.72 -0.26
CA ARG D 108 12.10 -4.55 -0.65
C ARG D 108 11.54 -3.31 0.05
N LEU D 109 12.44 -2.36 0.33
CA LEU D 109 12.06 -1.13 1.01
C LEU D 109 10.98 -0.38 0.24
N LEU D 110 9.80 -0.26 0.87
CA LEU D 110 8.72 0.56 0.38
C LEU D 110 8.86 1.99 0.89
N ARG D 111 9.29 2.16 2.15
CA ARG D 111 9.51 3.51 2.67
C ARG D 111 10.14 3.53 4.06
N GLY D 112 11.01 4.54 4.30
CA GLY D 112 11.62 4.77 5.58
C GLY D 112 10.95 5.90 6.37
N TYR D 113 11.09 5.83 7.68
CA TYR D 113 10.40 6.75 8.58
C TYR D 113 11.38 7.32 9.57
N LEU D 114 11.23 8.61 9.86
CA LEU D 114 11.95 9.20 10.96
C LEU D 114 11.24 10.50 11.29
N GLN D 115 10.52 10.51 12.41
CA GLN D 115 9.74 11.70 12.76
C GLN D 115 9.72 11.85 14.27
N PHE D 116 9.55 13.11 14.69
CA PHE D 116 9.55 13.49 16.09
C PHE D 116 8.33 14.35 16.39
N ALA D 117 7.86 14.24 17.64
CA ALA D 117 6.88 15.13 18.22
C ALA D 117 7.43 15.68 19.53
N TYR D 118 7.16 16.95 19.78
CA TYR D 118 7.41 17.55 21.08
C TYR D 118 6.09 17.97 21.68
N GLU D 119 5.85 17.66 22.95
CA GLU D 119 4.55 17.92 23.59
C GLU D 119 3.39 17.30 22.81
N GLY D 120 3.64 16.14 22.20
CA GLY D 120 2.62 15.46 21.45
C GLY D 120 2.30 16.03 20.08
N ARG D 121 3.04 17.03 19.60
CA ARG D 121 2.76 17.64 18.32
C ARG D 121 3.98 17.49 17.40
N ASP D 122 3.68 17.34 16.11
CA ASP D 122 4.71 17.18 15.10
C ASP D 122 5.75 18.29 15.23
N TYR D 123 7.00 17.89 15.29
CA TYR D 123 8.09 18.85 15.44
C TYR D 123 8.99 18.86 14.22
N ILE D 124 9.59 17.72 13.86
CA ILE D 124 10.33 17.62 12.63
C ILE D 124 10.21 16.19 12.13
N ALA D 125 10.12 16.04 10.81
CA ALA D 125 9.98 14.73 10.21
C ALA D 125 10.85 14.66 8.97
N LEU D 126 11.45 13.50 8.75
CA LEU D 126 12.19 13.24 7.51
C LEU D 126 11.19 12.88 6.43
N ASN D 127 11.30 13.54 5.29
CA ASN D 127 10.32 13.31 4.24
C ASN D 127 10.59 11.97 3.56
N GLU D 128 9.62 11.56 2.74
CA GLU D 128 9.69 10.26 2.09
C GLU D 128 10.90 10.15 1.17
N ASP D 129 11.36 11.26 0.60
CA ASP D 129 12.60 11.20 -0.18
C ASP D 129 13.80 10.76 0.66
N LEU D 130 13.68 10.73 1.99
CA LEU D 130 14.80 10.51 2.88
C LEU D 130 15.93 11.49 2.62
N LYS D 131 15.57 12.71 2.18
CA LYS D 131 16.55 13.72 1.78
C LYS D 131 16.26 15.08 2.40
N THR D 132 14.99 15.43 2.54
CA THR D 132 14.62 16.72 3.09
C THR D 132 13.75 16.53 4.33
N TRP D 133 13.54 17.64 5.06
CA TRP D 133 12.84 17.65 6.33
C TRP D 133 11.61 18.54 6.27
N THR D 134 10.52 18.09 6.88
CA THR D 134 9.38 18.93 7.19
C THR D 134 9.47 19.42 8.62
N ALA D 135 9.34 20.73 8.81
CA ALA D 135 9.34 21.32 10.15
C ALA D 135 8.43 22.55 10.09
N ALA D 136 7.29 22.48 10.78
CA ALA D 136 6.32 23.57 10.75
C ALA D 136 6.74 24.74 11.63
N ASP D 137 7.03 24.49 12.90
CA ASP D 137 7.16 25.59 13.86
C ASP D 137 8.36 26.50 13.57
N MET D 138 8.22 27.78 13.93
CA MET D 138 9.37 28.68 13.86
C MET D 138 10.54 28.13 14.66
N ALA D 139 10.28 27.63 15.88
CA ALA D 139 11.34 27.03 16.68
C ALA D 139 11.95 25.82 16.01
N ALA D 140 11.15 25.05 15.26
CA ALA D 140 11.70 23.85 14.61
C ALA D 140 12.65 24.20 13.48
N GLN D 141 12.63 25.45 12.97
CA GLN D 141 13.50 25.80 11.87
C GLN D 141 14.96 25.76 12.27
N ILE D 142 15.25 26.13 13.53
CA ILE D 142 16.59 26.02 14.07
C ILE D 142 17.11 24.59 13.92
N THR D 143 16.28 23.60 14.28
CA THR D 143 16.69 22.21 14.14
C THR D 143 16.88 21.82 12.68
N ARG D 144 15.90 22.14 11.84
CA ARG D 144 16.00 21.75 10.45
C ARG D 144 17.25 22.32 9.80
N ARG D 145 17.57 23.59 10.08
CA ARG D 145 18.78 24.17 9.51
C ARG D 145 20.02 23.42 9.99
N LYS D 146 20.13 23.19 11.31
CA LYS D 146 21.29 22.49 11.84
C LYS D 146 21.43 21.11 11.20
N TRP D 147 20.31 20.44 10.92
CA TRP D 147 20.38 19.07 10.40
C TRP D 147 20.63 19.07 8.90
N GLU D 148 20.11 20.07 8.19
CA GLU D 148 20.51 20.28 6.81
C GLU D 148 22.00 20.53 6.73
N GLN D 149 22.51 21.43 7.58
CA GLN D 149 23.92 21.81 7.52
C GLN D 149 24.83 20.64 7.90
N SER D 150 24.38 19.79 8.80
CA SER D 150 25.24 18.69 9.21
C SER D 150 25.14 17.49 8.27
N GLY D 151 24.18 17.47 7.37
CA GLY D 151 23.97 16.32 6.50
C GLY D 151 23.35 15.12 7.20
N ALA D 152 22.65 15.34 8.31
CA ALA D 152 22.10 14.23 9.10
C ALA D 152 21.27 13.27 8.24
N ALA D 153 20.51 13.81 7.27
CA ALA D 153 19.61 12.97 6.49
C ALA D 153 20.35 11.89 5.70
N GLU D 154 21.55 12.19 5.21
CA GLU D 154 22.32 11.19 4.47
C GLU D 154 22.60 9.96 5.32
N HIS D 155 23.01 10.19 6.56
CA HIS D 155 23.24 9.10 7.50
C HIS D 155 21.94 8.33 7.77
N TYR D 156 20.84 9.04 8.03
CA TYR D 156 19.59 8.35 8.30
C TYR D 156 19.06 7.63 7.06
N LYS D 157 19.29 8.19 5.87
CA LYS D 157 18.92 7.48 4.67
C LYS D 157 19.67 6.16 4.56
N ALA D 158 20.97 6.16 4.87
CA ALA D 158 21.76 4.94 4.75
C ALA D 158 21.27 3.85 5.72
N TYR D 159 20.96 4.24 6.96
CA TYR D 159 20.33 3.32 7.90
C TYR D 159 19.00 2.78 7.37
N LEU D 160 18.10 3.68 6.95
CA LEU D 160 16.75 3.23 6.62
C LEU D 160 16.74 2.30 5.41
N GLU D 161 17.61 2.55 4.42
CA GLU D 161 17.72 1.69 3.25
C GLU D 161 18.66 0.50 3.47
N GLY D 162 19.52 0.56 4.48
CA GLY D 162 20.57 -0.43 4.68
C GLY D 162 20.30 -1.31 5.89
N GLU D 163 20.74 -0.87 7.08
CA GLU D 163 20.62 -1.71 8.28
C GLU D 163 19.16 -2.03 8.60
N CYS D 164 18.27 -1.05 8.48
CA CYS D 164 16.86 -1.30 8.78
C CYS D 164 16.33 -2.45 7.97
N VAL D 165 16.61 -2.45 6.66
CA VAL D 165 16.16 -3.53 5.80
C VAL D 165 16.92 -4.83 6.09
N GLU D 166 18.25 -4.74 6.18
CA GLU D 166 19.08 -5.92 6.44
C GLU D 166 18.65 -6.65 7.69
N TRP D 167 18.61 -5.93 8.82
CA TRP D 167 18.33 -6.57 10.11
C TRP D 167 16.87 -6.99 10.23
N LEU D 168 15.94 -6.28 9.58
CA LEU D 168 14.57 -6.76 9.57
C LEU D 168 14.45 -8.09 8.83
N HIS D 169 15.15 -8.23 7.69
CA HIS D 169 15.22 -9.53 7.02
C HIS D 169 15.70 -10.62 7.98
N ARG D 170 16.80 -10.36 8.69
CA ARG D 170 17.32 -11.29 9.69
C ARG D 170 16.29 -11.60 10.77
N TYR D 171 15.61 -10.57 11.28
CA TYR D 171 14.58 -10.83 12.29
C TYR D 171 13.43 -11.64 11.71
N LEU D 172 13.08 -11.40 10.44
CA LEU D 172 11.99 -12.17 9.84
C LEU D 172 12.38 -13.63 9.64
N LYS D 173 13.63 -13.89 9.25
CA LYS D 173 14.08 -15.27 9.12
C LYS D 173 14.13 -15.96 10.47
N ASN D 174 14.55 -15.25 11.51
CA ASN D 174 14.55 -15.82 12.86
C ASN D 174 13.15 -15.86 13.49
N GLY D 175 12.13 -15.38 12.81
CA GLY D 175 10.78 -15.43 13.34
C GLY D 175 10.17 -16.81 13.17
N ARG D 181 0.15 -13.39 10.98
CA ARG D 181 -1.12 -13.97 10.59
C ARG D 181 -2.25 -13.01 10.90
N THR D 182 -3.41 -13.25 10.30
CA THR D 182 -4.62 -12.53 10.60
C THR D 182 -5.59 -13.46 11.31
N ASP D 183 -6.46 -12.88 12.14
CA ASP D 183 -7.58 -13.58 12.74
C ASP D 183 -8.84 -12.86 12.32
N SER D 184 -9.75 -13.58 11.68
CA SER D 184 -10.94 -12.94 11.13
C SER D 184 -11.94 -12.60 12.23
N PRO D 185 -12.73 -11.55 12.05
CA PRO D 185 -13.73 -11.20 13.05
C PRO D 185 -14.93 -12.14 13.03
N LYS D 186 -15.34 -12.58 14.21
CA LYS D 186 -16.61 -13.26 14.36
C LYS D 186 -17.63 -12.22 14.78
N ALA D 187 -18.70 -12.09 14.00
CA ALA D 187 -19.71 -11.07 14.20
C ALA D 187 -21.02 -11.68 14.67
N HIS D 188 -21.75 -10.90 15.46
CA HIS D 188 -23.12 -11.22 15.82
C HIS D 188 -23.80 -9.93 16.22
N VAL D 189 -25.13 -9.93 16.16
CA VAL D 189 -25.94 -8.77 16.46
C VAL D 189 -26.71 -9.02 17.76
N THR D 190 -26.85 -7.99 18.58
CA THR D 190 -27.61 -8.08 19.82
C THR D 190 -28.75 -7.06 19.80
N HIS D 191 -29.78 -7.36 20.60
CA HIS D 191 -31.07 -6.68 20.60
C HIS D 191 -31.27 -6.05 21.98
N HIS D 192 -31.54 -4.74 22.00
CA HIS D 192 -31.70 -3.99 23.23
C HIS D 192 -32.87 -3.03 23.10
N PRO D 193 -34.06 -3.41 23.58
CA PRO D 193 -35.22 -2.53 23.44
C PRO D 193 -35.04 -1.23 24.23
N ARG D 194 -35.25 -0.11 23.54
CA ARG D 194 -35.37 1.18 24.21
C ARG D 194 -36.83 1.44 24.55
N SER D 195 -37.16 2.69 24.79
CA SER D 195 -38.53 3.10 25.04
C SER D 195 -39.51 2.80 23.90
N LYS D 196 -39.98 1.56 24.00
CA LYS D 196 -40.91 0.85 23.12
C LYS D 196 -41.49 1.42 21.89
N GLY D 197 -40.84 2.45 21.44
CA GLY D 197 -41.14 2.99 20.16
C GLY D 197 -39.99 2.47 19.25
N GLU D 198 -38.88 2.03 19.85
CA GLU D 198 -37.64 1.69 19.22
C GLU D 198 -36.83 0.64 19.98
N VAL D 199 -35.77 0.18 19.34
CA VAL D 199 -34.86 -0.83 19.88
C VAL D 199 -33.45 -0.53 19.36
N THR D 200 -32.44 -0.92 20.14
CA THR D 200 -31.04 -0.76 19.75
C THR D 200 -30.54 -2.05 19.13
N LEU D 201 -30.11 -1.97 17.88
CA LEU D 201 -29.41 -3.05 17.21
C LEU D 201 -27.91 -2.78 17.31
N ARG D 202 -27.16 -3.73 17.87
CA ARG D 202 -25.72 -3.54 18.06
C ARG D 202 -24.96 -4.70 17.43
N CYS D 203 -24.15 -4.38 16.43
CA CYS D 203 -23.38 -5.36 15.69
C CYS D 203 -21.98 -5.47 16.30
N TRP D 204 -21.64 -6.67 16.77
CA TRP D 204 -20.37 -6.93 17.43
C TRP D 204 -19.38 -7.58 16.48
N ALA D 205 -18.12 -7.25 16.67
CA ALA D 205 -17.01 -7.94 16.02
C ALA D 205 -15.99 -8.30 17.09
N LEU D 206 -15.59 -9.56 17.14
CA LEU D 206 -14.76 -10.05 18.22
C LEU D 206 -13.66 -10.94 17.68
N GLY D 207 -12.58 -11.05 18.45
CA GLY D 207 -11.50 -11.97 18.12
C GLY D 207 -10.73 -11.69 16.85
N PHE D 208 -10.68 -10.45 16.39
CA PHE D 208 -9.98 -10.17 15.13
C PHE D 208 -8.58 -9.60 15.36
N TYR D 209 -7.74 -9.75 14.33
CA TYR D 209 -6.38 -9.22 14.31
C TYR D 209 -5.92 -9.11 12.87
N PRO D 210 -5.29 -7.98 12.48
CA PRO D 210 -4.99 -6.74 13.21
C PRO D 210 -6.22 -5.97 13.63
N ALA D 211 -5.99 -4.86 14.33
CA ALA D 211 -7.07 -4.09 14.93
C ALA D 211 -7.93 -3.36 13.90
N ASP D 212 -7.36 -3.05 12.73
CA ASP D 212 -8.09 -2.26 11.72
C ASP D 212 -9.32 -3.01 11.24
N ILE D 213 -10.48 -2.34 11.28
CA ILE D 213 -11.73 -2.96 10.89
C ILE D 213 -12.73 -1.85 10.60
N THR D 214 -13.76 -2.16 9.81
CA THR D 214 -14.84 -1.23 9.55
C THR D 214 -16.17 -1.94 9.72
N LEU D 215 -17.06 -1.32 10.50
CA LEU D 215 -18.42 -1.79 10.73
C LEU D 215 -19.37 -0.76 10.14
N THR D 216 -20.34 -1.22 9.37
CA THR D 216 -21.35 -0.34 8.81
C THR D 216 -22.74 -0.90 9.09
N TRP D 217 -23.73 -0.02 9.05
CA TRP D 217 -25.12 -0.42 9.11
C TRP D 217 -25.84 0.12 7.88
N GLN D 218 -26.68 -0.70 7.24
CA GLN D 218 -27.47 -0.24 6.12
C GLN D 218 -28.94 -0.55 6.31
N LEU D 219 -29.77 0.36 5.79
CA LEU D 219 -31.23 0.29 5.89
C LEU D 219 -31.85 -0.40 4.69
N ASN D 220 -31.51 0.04 3.48
CA ASN D 220 -31.91 -0.65 2.27
C ASN D 220 -30.64 -1.10 1.54
N GLY D 221 -30.00 -0.14 0.87
CA GLY D 221 -28.69 -0.36 0.32
C GLY D 221 -27.75 0.74 0.77
N GLU D 222 -28.32 1.78 1.38
CA GLU D 222 -27.56 2.95 1.77
C GLU D 222 -27.10 2.85 3.22
N GLU D 223 -25.87 3.31 3.47
CA GLU D 223 -25.26 3.24 4.79
C GLU D 223 -25.91 4.24 5.75
N LEU D 224 -25.69 4.02 7.03
CA LEU D 224 -26.18 4.88 8.11
C LEU D 224 -24.98 5.40 8.89
N THR D 225 -24.57 6.64 8.63
CA THR D 225 -23.52 7.29 9.41
C THR D 225 -24.05 8.41 10.28
N GLN D 226 -25.37 8.64 10.29
CA GLN D 226 -26.01 9.42 11.32
C GLN D 226 -26.92 8.51 12.14
N ASP D 227 -27.10 8.88 13.41
CA ASP D 227 -27.72 8.06 14.47
C ASP D 227 -27.05 6.68 14.62
N MET D 228 -25.83 6.51 14.12
CA MET D 228 -25.05 5.30 14.38
C MET D 228 -24.05 5.55 15.50
N GLU D 229 -24.10 4.70 16.53
CA GLU D 229 -23.18 4.75 17.65
C GLU D 229 -22.14 3.63 17.53
N LEU D 230 -20.93 3.93 17.98
CA LEU D 230 -19.87 2.92 17.94
C LEU D 230 -18.91 3.14 19.11
N VAL D 231 -17.97 2.22 19.24
CA VAL D 231 -16.88 2.35 20.18
C VAL D 231 -15.57 2.25 19.42
N GLU D 232 -14.55 2.88 19.96
CA GLU D 232 -13.23 2.70 19.38
C GLU D 232 -12.80 1.25 19.52
N THR D 233 -12.11 0.76 18.51
CA THR D 233 -11.56 -0.58 18.55
C THR D 233 -10.69 -0.76 19.79
N ARG D 234 -10.86 -1.88 20.47
CA ARG D 234 -10.24 -2.03 21.77
C ARG D 234 -9.68 -3.44 21.92
N PRO D 235 -8.58 -3.59 22.65
CA PRO D 235 -7.93 -4.90 22.73
C PRO D 235 -8.65 -5.80 23.73
N ALA D 236 -8.85 -7.05 23.32
CA ALA D 236 -9.40 -8.01 24.27
C ALA D 236 -8.40 -8.35 25.38
N GLY D 237 -7.10 -8.19 25.11
CA GLY D 237 -6.06 -8.50 26.06
C GLY D 237 -5.36 -9.81 25.80
N ASP D 238 -5.88 -10.61 24.86
CA ASP D 238 -5.29 -11.87 24.45
C ASP D 238 -4.55 -11.79 23.11
N GLY D 239 -4.33 -10.58 22.59
CA GLY D 239 -3.81 -10.39 21.26
C GLY D 239 -4.83 -9.97 20.21
N THR D 240 -6.14 -10.19 20.46
CA THR D 240 -7.21 -9.88 19.53
C THR D 240 -7.98 -8.64 19.96
N PHE D 241 -8.87 -8.17 19.09
CA PHE D 241 -9.54 -6.89 19.30
C PHE D 241 -11.07 -7.04 19.22
N GLN D 242 -11.76 -6.02 19.73
CA GLN D 242 -13.21 -5.94 19.77
C GLN D 242 -13.68 -4.63 19.20
N LYS D 243 -14.89 -4.63 18.66
CA LYS D 243 -15.54 -3.39 18.27
C LYS D 243 -17.03 -3.64 18.14
N TRP D 244 -17.83 -2.58 18.35
CA TRP D 244 -19.23 -2.67 17.98
C TRP D 244 -19.74 -1.35 17.41
N ALA D 245 -20.85 -1.46 16.69
CA ALA D 245 -21.58 -0.33 16.13
C ALA D 245 -23.07 -0.61 16.27
N SER D 246 -23.81 0.41 16.70
CA SER D 246 -25.22 0.23 17.01
C SER D 246 -26.08 1.29 16.31
N VAL D 247 -27.36 0.94 16.15
CA VAL D 247 -28.34 1.82 15.51
C VAL D 247 -29.70 1.58 16.15
N VAL D 248 -30.55 2.64 16.13
CA VAL D 248 -31.91 2.60 16.66
C VAL D 248 -32.88 2.31 15.53
N VAL D 249 -33.98 1.69 15.91
CA VAL D 249 -34.78 0.96 14.95
C VAL D 249 -36.18 0.76 15.52
N PRO D 250 -37.19 1.06 14.71
CA PRO D 250 -38.58 0.61 15.04
C PRO D 250 -38.70 -0.89 15.21
N LEU D 251 -39.39 -1.30 16.25
CA LEU D 251 -39.62 -2.72 16.44
C LEU D 251 -40.54 -3.24 15.32
N GLY D 252 -40.27 -4.46 14.86
CA GLY D 252 -40.89 -5.00 13.70
C GLY D 252 -40.16 -4.70 12.41
N LYS D 253 -39.35 -3.64 12.41
CA LYS D 253 -38.53 -3.25 11.27
C LYS D 253 -37.10 -3.78 11.38
N GLU D 254 -36.88 -4.81 12.20
CA GLU D 254 -35.51 -5.23 12.50
C GLU D 254 -34.81 -5.74 11.25
N GLN D 255 -35.40 -6.72 10.58
CA GLN D 255 -34.71 -7.42 9.49
C GLN D 255 -34.52 -6.54 8.26
N ASN D 256 -34.97 -5.29 8.27
CA ASN D 256 -34.59 -4.38 7.20
C ASN D 256 -33.12 -4.02 7.28
N TYR D 257 -32.56 -3.95 8.49
CA TYR D 257 -31.23 -3.40 8.71
C TYR D 257 -30.17 -4.50 8.68
N THR D 258 -29.04 -4.22 8.01
CA THR D 258 -27.95 -5.16 7.89
C THR D 258 -26.64 -4.53 8.32
N CYS D 259 -25.78 -5.32 8.94
CA CYS D 259 -24.47 -4.87 9.40
C CYS D 259 -23.40 -5.53 8.54
N ARG D 260 -22.35 -4.77 8.22
CA ARG D 260 -21.25 -5.28 7.42
C ARG D 260 -19.94 -5.16 8.16
N VAL D 261 -19.12 -6.19 8.02
CA VAL D 261 -17.83 -6.28 8.66
C VAL D 261 -16.77 -6.37 7.56
N TYR D 262 -15.91 -5.36 7.47
CA TYR D 262 -14.79 -5.35 6.55
C TYR D 262 -13.51 -5.53 7.35
N HIS D 263 -12.72 -6.53 6.97
CA HIS D 263 -11.50 -6.85 7.69
C HIS D 263 -10.58 -7.63 6.76
N GLU D 264 -9.28 -7.37 6.90
CA GLU D 264 -8.30 -7.90 5.95
C GLU D 264 -8.19 -9.42 6.01
N GLY D 265 -8.67 -10.05 7.08
CA GLY D 265 -8.60 -11.50 7.16
C GLY D 265 -9.75 -12.22 6.50
N LEU D 266 -10.78 -11.52 6.19
CA LEU D 266 -11.98 -12.09 5.60
C LEU D 266 -11.75 -12.39 4.12
N PRO D 267 -12.19 -13.55 3.65
CA PRO D 267 -12.21 -13.78 2.19
C PRO D 267 -13.05 -12.74 1.47
N GLU D 268 -14.16 -12.35 2.08
CA GLU D 268 -15.09 -11.34 1.59
C GLU D 268 -15.70 -10.67 2.81
N PRO D 269 -16.26 -9.48 2.66
CA PRO D 269 -16.95 -8.85 3.80
C PRO D 269 -18.15 -9.66 4.25
N LEU D 270 -18.43 -9.60 5.54
CA LEU D 270 -19.57 -10.29 6.14
C LEU D 270 -20.81 -9.40 6.13
N THR D 271 -21.93 -9.95 5.71
CA THR D 271 -23.24 -9.31 5.89
C THR D 271 -24.03 -10.17 6.88
N LEU D 272 -24.68 -9.52 7.84
CA LEU D 272 -25.42 -10.24 8.87
C LEU D 272 -26.52 -9.34 9.40
N ARG D 273 -27.49 -9.96 10.07
CA ARG D 273 -28.66 -9.26 10.57
C ARG D 273 -28.98 -9.79 11.96
N TRP D 274 -29.97 -9.15 12.60
CA TRP D 274 -30.51 -9.69 13.84
C TRP D 274 -31.12 -11.06 13.57
N GLU D 275 -30.90 -11.98 14.51
CA GLU D 275 -31.39 -13.35 14.38
C GLU D 275 -31.99 -13.79 15.71
N PRO D 276 -33.32 -13.69 15.87
CA PRO D 276 -33.96 -14.17 17.09
C PRO D 276 -33.87 -15.69 17.24
N ILE E 1 -2.20 21.13 24.22
N ILE E 1 -0.03 20.04 23.95
CA ILE E 1 -1.19 20.13 24.52
CA ILE E 1 -1.37 20.23 24.48
C ILE E 1 -1.74 19.00 25.40
C ILE E 1 -1.70 19.05 25.42
N GLN E 2 -2.42 19.36 26.49
CA GLN E 2 -3.01 18.32 27.32
C GLN E 2 -4.15 17.65 26.58
N LYS E 3 -4.16 16.33 26.56
CA LYS E 3 -5.22 15.57 25.92
C LYS E 3 -5.88 14.69 26.97
N THR E 4 -7.23 14.74 27.04
CA THR E 4 -7.98 14.07 28.09
C THR E 4 -8.08 12.58 27.79
N PRO E 5 -7.77 11.71 28.74
CA PRO E 5 -7.86 10.26 28.46
C PRO E 5 -9.28 9.85 28.08
N GLN E 6 -9.37 9.02 27.05
CA GLN E 6 -10.60 8.37 26.67
C GLN E 6 -10.58 6.98 27.28
N ILE E 7 -11.69 6.56 27.90
CA ILE E 7 -11.69 5.41 28.79
C ILE E 7 -12.80 4.43 28.38
N GLN E 8 -12.44 3.15 28.26
CA GLN E 8 -13.43 2.09 28.02
C GLN E 8 -13.22 1.02 29.06
N VAL E 9 -14.31 0.52 29.62
CA VAL E 9 -14.32 -0.59 30.57
C VAL E 9 -15.19 -1.69 29.98
N TYR E 10 -14.64 -2.90 29.90
CA TYR E 10 -15.33 -3.96 29.18
C TYR E 10 -14.65 -5.28 29.51
N SER E 11 -15.35 -6.38 29.26
CA SER E 11 -14.79 -7.66 29.63
C SER E 11 -14.10 -8.29 28.43
N ARG E 12 -13.12 -9.15 28.72
CA ARG E 12 -12.45 -9.89 27.65
C ARG E 12 -13.43 -10.82 26.95
N HIS E 13 -14.26 -11.53 27.73
CA HIS E 13 -15.22 -12.46 27.19
C HIS E 13 -16.63 -11.98 27.46
N PRO E 14 -17.59 -12.39 26.64
CA PRO E 14 -18.99 -12.04 26.92
C PRO E 14 -19.30 -12.34 28.37
N PRO E 15 -19.88 -11.39 29.10
CA PRO E 15 -20.05 -11.62 30.53
C PRO E 15 -21.13 -12.66 30.78
N GLU E 16 -20.83 -13.60 31.66
CA GLU E 16 -21.83 -14.52 32.19
C GLU E 16 -21.74 -14.49 33.70
N ASN E 17 -22.86 -14.21 34.37
CA ASN E 17 -22.85 -14.09 35.83
C ASN E 17 -22.37 -15.41 36.44
N GLY E 18 -21.49 -15.30 37.43
CA GLY E 18 -20.90 -16.46 38.05
C GLY E 18 -19.72 -17.06 37.34
N LYS E 19 -19.30 -16.52 36.18
CA LYS E 19 -18.21 -17.18 35.52
C LYS E 19 -16.97 -16.29 35.49
N PRO E 20 -15.79 -16.85 35.76
CA PRO E 20 -14.57 -16.02 35.81
C PRO E 20 -14.28 -15.39 34.46
N ASN E 21 -13.71 -14.20 34.50
CA ASN E 21 -13.55 -13.40 33.29
C ASN E 21 -12.42 -12.43 33.56
N ILE E 22 -12.16 -11.56 32.59
CA ILE E 22 -11.13 -10.54 32.71
C ILE E 22 -11.81 -9.21 32.45
N LEU E 23 -11.64 -8.26 33.37
CA LEU E 23 -12.18 -6.93 33.15
C LEU E 23 -11.06 -6.02 32.67
N ASN E 24 -11.34 -5.29 31.60
CA ASN E 24 -10.37 -4.41 30.98
C ASN E 24 -10.73 -2.95 31.26
N CYS E 25 -9.71 -2.13 31.43
CA CYS E 25 -9.87 -0.68 31.43
C CYS E 25 -8.86 -0.16 30.41
N TYR E 26 -9.36 0.27 29.25
CA TYR E 26 -8.53 0.68 28.13
C TYR E 26 -8.54 2.20 28.07
N VAL E 27 -7.36 2.79 28.12
CA VAL E 27 -7.22 4.24 28.26
C VAL E 27 -6.30 4.73 27.17
N THR E 28 -6.76 5.70 26.38
CA THR E 28 -6.09 6.09 25.15
C THR E 28 -6.06 7.62 25.04
N GLN E 29 -5.29 8.10 24.06
CA GLN E 29 -5.35 9.48 23.58
C GLN E 29 -5.13 10.53 24.66
N PHE E 30 -4.33 10.22 25.66
CA PHE E 30 -4.04 11.20 26.69
C PHE E 30 -2.62 11.73 26.48
N HIS E 31 -2.37 12.90 27.08
CA HIS E 31 -1.07 13.57 26.99
C HIS E 31 -1.05 14.61 28.09
N PRO E 32 0.01 14.68 28.90
CA PRO E 32 1.28 13.94 28.91
C PRO E 32 1.07 12.47 29.34
N PRO E 33 2.08 11.61 29.15
CA PRO E 33 1.84 10.17 29.37
C PRO E 33 1.67 9.77 30.83
N HIS E 34 2.04 10.61 31.79
CA HIS E 34 1.87 10.23 33.19
C HIS E 34 0.40 10.10 33.55
N ILE E 35 0.04 8.96 34.15
CA ILE E 35 -1.36 8.67 34.41
C ILE E 35 -1.42 7.64 35.53
N GLU E 36 -2.51 7.66 36.30
CA GLU E 36 -2.76 6.69 37.35
C GLU E 36 -4.14 6.09 37.11
N ILE E 37 -4.20 4.77 37.12
CA ILE E 37 -5.41 4.00 36.81
C ILE E 37 -5.63 3.03 37.95
N GLN E 38 -6.84 3.02 38.50
CA GLN E 38 -7.25 1.98 39.44
C GLN E 38 -8.54 1.37 38.96
N MET E 39 -8.75 0.09 39.30
CA MET E 39 -10.00 -0.58 39.01
C MET E 39 -10.72 -0.84 40.33
N LEU E 40 -12.04 -0.68 40.31
CA LEU E 40 -12.86 -0.67 41.51
C LEU E 40 -13.91 -1.76 41.41
N LYS E 41 -14.23 -2.39 42.55
CA LYS E 41 -15.38 -3.29 42.73
C LYS E 41 -16.24 -2.73 43.85
N ASN E 42 -17.47 -2.33 43.53
CA ASN E 42 -18.36 -1.72 44.52
C ASN E 42 -17.66 -0.57 45.26
N GLY E 43 -17.02 0.30 44.47
CA GLY E 43 -16.31 1.46 44.98
C GLY E 43 -15.02 1.18 45.71
N LYS E 44 -14.57 -0.07 45.80
CA LYS E 44 -13.35 -0.39 46.52
C LYS E 44 -12.23 -0.80 45.56
N LYS E 45 -11.01 -0.36 45.87
CA LYS E 45 -9.88 -0.63 44.99
C LYS E 45 -9.58 -2.11 44.90
N ILE E 46 -9.43 -2.60 43.68
CA ILE E 46 -9.06 -4.00 43.49
C ILE E 46 -7.55 -4.12 43.63
N PRO E 47 -7.05 -5.03 44.50
CA PRO E 47 -5.61 -5.04 44.81
C PRO E 47 -4.73 -5.46 43.64
N LYS E 48 -5.05 -6.56 42.98
CA LYS E 48 -4.18 -7.11 41.95
C LYS E 48 -4.70 -6.68 40.58
N VAL E 49 -4.09 -5.62 40.04
CA VAL E 49 -4.45 -5.09 38.71
C VAL E 49 -3.20 -5.15 37.85
N GLU E 50 -3.28 -5.83 36.70
CA GLU E 50 -2.19 -5.87 35.74
C GLU E 50 -2.23 -4.61 34.89
N MET E 51 -1.05 -4.09 34.54
CA MET E 51 -0.95 -2.85 33.78
C MET E 51 -0.02 -3.08 32.61
N SER E 52 -0.47 -2.75 31.39
CA SER E 52 0.44 -2.88 30.26
C SER E 52 1.51 -1.79 30.32
N ASP E 53 2.54 -1.96 29.50
CA ASP E 53 3.58 -0.95 29.40
C ASP E 53 3.07 0.26 28.61
N MET E 54 3.75 1.39 28.82
N MET E 54 3.69 1.41 28.85
CA MET E 54 3.50 2.63 28.09
CA MET E 54 3.28 2.60 28.13
C MET E 54 3.73 2.45 26.59
C MET E 54 3.69 2.50 26.65
N SER E 55 2.73 2.79 25.77
CA SER E 55 2.88 2.73 24.32
C SER E 55 2.24 3.96 23.68
N PHE E 56 2.59 4.25 22.43
CA PHE E 56 1.89 5.32 21.74
C PHE E 56 1.70 4.92 20.28
N SER E 57 0.74 5.55 19.63
CA SER E 57 0.39 5.18 18.27
C SER E 57 0.97 6.21 17.30
N LYS E 58 0.79 5.94 16.00
CA LYS E 58 1.42 6.75 14.97
C LYS E 58 0.98 8.21 15.05
N ASP E 59 -0.21 8.49 15.58
CA ASP E 59 -0.60 9.88 15.78
C ASP E 59 -0.07 10.50 17.08
N TRP E 60 0.90 9.86 17.74
CA TRP E 60 1.54 10.26 18.98
C TRP E 60 0.66 10.13 20.22
N SER E 61 -0.59 9.68 20.09
CA SER E 61 -1.46 9.37 21.25
C SER E 61 -0.92 8.21 22.07
N PHE E 62 -0.87 8.39 23.39
CA PHE E 62 -0.47 7.31 24.28
C PHE E 62 -1.67 6.42 24.60
N TYR E 63 -1.38 5.17 24.92
CA TYR E 63 -2.46 4.25 25.28
C TYR E 63 -1.92 3.19 26.23
N ILE E 64 -2.80 2.72 27.10
CA ILE E 64 -2.41 1.74 28.11
C ILE E 64 -3.63 0.88 28.43
N LEU E 65 -3.39 -0.35 28.86
CA LEU E 65 -4.45 -1.29 29.15
C LEU E 65 -4.24 -1.84 30.55
N ALA E 66 -5.21 -1.61 31.43
CA ALA E 66 -5.24 -2.27 32.72
C ALA E 66 -6.26 -3.42 32.67
N HIS E 67 -5.97 -4.48 33.42
CA HIS E 67 -6.97 -5.54 33.50
C HIS E 67 -6.87 -6.27 34.83
N THR E 68 -7.95 -6.99 35.15
CA THR E 68 -8.01 -7.76 36.37
C THR E 68 -8.98 -8.92 36.19
N GLU E 69 -8.71 -10.02 36.89
CA GLU E 69 -9.70 -11.10 36.92
C GLU E 69 -10.92 -10.63 37.69
N PHE E 70 -12.11 -11.02 37.22
CA PHE E 70 -13.31 -10.78 37.99
C PHE E 70 -14.34 -11.82 37.63
N THR E 71 -15.31 -11.99 38.51
CA THR E 71 -16.44 -12.86 38.24
C THR E 71 -17.69 -12.03 38.36
N PRO E 72 -18.32 -11.65 37.26
CA PRO E 72 -19.49 -10.76 37.34
C PRO E 72 -20.66 -11.45 38.04
N THR E 73 -21.46 -10.62 38.70
CA THR E 73 -22.75 -11.00 39.28
C THR E 73 -23.79 -10.01 38.77
N GLU E 74 -25.05 -10.22 39.18
CA GLU E 74 -26.10 -9.29 38.79
C GLU E 74 -25.83 -7.89 39.31
N THR E 75 -25.29 -7.76 40.51
CA THR E 75 -25.30 -6.47 41.17
C THR E 75 -23.94 -5.88 41.53
N ASP E 76 -22.84 -6.61 41.40
CA ASP E 76 -21.54 -6.00 41.67
C ASP E 76 -21.26 -4.91 40.64
N THR E 77 -20.90 -3.72 41.12
CA THR E 77 -20.51 -2.63 40.22
C THR E 77 -19.00 -2.66 40.03
N TYR E 78 -18.58 -2.61 38.77
CA TYR E 78 -17.16 -2.48 38.49
C TYR E 78 -16.89 -1.17 37.78
N ALA E 79 -15.70 -0.64 38.01
CA ALA E 79 -15.40 0.68 37.47
C ALA E 79 -13.90 0.80 37.34
N CYS E 80 -13.51 1.82 36.57
CA CYS E 80 -12.12 2.17 36.36
C CYS E 80 -11.98 3.66 36.70
N ARG E 81 -10.97 4.00 37.50
CA ARG E 81 -10.80 5.36 37.97
C ARG E 81 -9.45 5.84 37.48
N VAL E 82 -9.44 7.00 36.82
CA VAL E 82 -8.25 7.48 36.11
C VAL E 82 -7.91 8.89 36.59
N LYS E 83 -6.67 9.09 36.99
CA LYS E 83 -6.16 10.40 37.38
C LYS E 83 -5.13 10.83 36.35
N HIS E 84 -5.26 12.08 35.88
CA HIS E 84 -4.44 12.60 34.80
C HIS E 84 -4.53 14.12 34.83
N ASP E 85 -3.43 14.77 34.42
CA ASP E 85 -3.32 16.22 34.58
C ASP E 85 -4.37 16.98 33.80
N SER E 86 -4.91 16.39 32.74
CA SER E 86 -5.94 17.06 31.96
C SER E 86 -7.27 17.22 32.71
N MET E 87 -7.38 16.70 33.92
CA MET E 87 -8.64 16.70 34.64
C MET E 87 -8.43 17.20 36.06
N ALA E 88 -9.33 18.06 36.52
CA ALA E 88 -9.26 18.56 37.89
C ALA E 88 -9.34 17.42 38.90
N GLU E 89 -10.22 16.45 38.66
CA GLU E 89 -10.45 15.35 39.59
C GLU E 89 -10.35 14.02 38.84
N PRO E 90 -10.05 12.94 39.55
CA PRO E 90 -10.04 11.62 38.89
C PRO E 90 -11.38 11.33 38.24
N LYS E 91 -11.33 10.62 37.10
CA LYS E 91 -12.53 10.27 36.37
C LYS E 91 -12.87 8.80 36.59
N THR E 92 -14.10 8.52 36.98
CA THR E 92 -14.58 7.15 37.16
C THR E 92 -15.53 6.78 36.03
N VAL E 93 -15.25 5.66 35.38
CA VAL E 93 -16.08 5.12 34.32
C VAL E 93 -16.56 3.74 34.75
N TYR E 94 -17.89 3.55 34.74
CA TYR E 94 -18.49 2.29 35.19
C TYR E 94 -18.62 1.27 34.07
N TRP E 95 -18.35 0.01 34.41
CA TRP E 95 -18.54 -1.09 33.48
C TRP E 95 -20.02 -1.25 33.14
N ASP E 96 -20.33 -1.20 31.85
CA ASP E 96 -21.65 -1.53 31.34
C ASP E 96 -21.53 -2.85 30.59
N ARG E 97 -22.17 -3.90 31.12
CA ARG E 97 -21.99 -5.25 30.61
C ARG E 97 -22.50 -5.42 29.18
N ASP E 98 -23.37 -4.54 28.72
CA ASP E 98 -23.87 -4.63 27.35
C ASP E 98 -22.99 -3.90 26.34
N MET E 99 -21.92 -3.27 26.79
CA MET E 99 -21.20 -2.35 25.92
C MET E 99 -19.71 -2.59 25.88
N MET F 1 17.53 -3.68 15.00
CA MET F 1 18.70 -2.82 15.14
C MET F 1 18.27 -1.35 15.11
N CYS F 2 18.55 -0.63 16.20
CA CYS F 2 18.02 0.72 16.36
C CYS F 2 18.94 1.75 15.72
N LEU F 3 18.39 2.96 15.52
CA LEU F 3 19.11 4.07 14.93
C LEU F 3 19.78 4.92 16.02
N ARG F 4 21.04 5.23 15.82
CA ARG F 4 21.73 6.21 16.66
C ARG F 4 21.68 7.58 16.00
N THR F 6 22.40 11.53 15.21
CA THR F 6 23.65 12.31 15.34
C THR F 6 23.41 13.70 15.94
N ALA F 7 23.22 14.71 15.10
CA ALA F 7 23.02 16.06 15.62
C ALA F 7 21.77 16.10 16.49
N VAL F 8 21.90 16.73 17.65
CA VAL F 8 20.74 16.85 18.54
C VAL F 8 19.84 17.95 18.00
N MET F 9 18.69 18.09 18.62
CA MET F 9 17.77 19.13 18.24
C MET F 9 18.34 20.53 18.55
#